data_1OGB
#
_entry.id   1OGB
#
_cell.length_a   55.948
_cell.length_b   103.978
_cell.length_c   186.458
_cell.angle_alpha   90.00
_cell.angle_beta   90.00
_cell.angle_gamma   90.00
#
_symmetry.space_group_name_H-M   'P 21 21 21'
#
loop_
_entity.id
_entity.type
_entity.pdbx_description
1 polymer 'CHITINASE B'
2 non-polymer GLYCEROL
3 non-polymer 'SULFATE ION'
4 water water
#
_entity_poly.entity_id   1
_entity_poly.type   'polypeptide(L)'
_entity_poly.pdbx_seq_one_letter_code
;MSTRKAVIGYYFIPTNQINNYTETDTSVVPFPVSNITPAKAKQLTHINFSFLDINSNLECAWDPATNDAKARDVVNRLTA
LKAHNPSLRIMFSIGGWYYSNDLGVSHANYVNAVKTPASRAKFAQSCVRIMKDYGFDGVDINWEYPQAAEVDGFIAALQE
IRTLLNQQTITDGRQALPYQLTIAGAGGAFFLSRYYSKLAQIVAPLDYINLMTYDLAGPWEKVTNHQAALFGDAAGPTFY
NALREANLGWSWEELTRAFPSPFSLTVDAAVQQHLMMEGVPSAKIVMGVPFYGRAFKGVSGGNGGQYSSHSTPGEDPYPS
TDYWLVGCEECVRDKDPRIASYRQLEQMLQGNYGYQRLWNDKTKTPYLYHAQNGLFVTYDDAESFKYKAKYIKQQQLGGV
MFWHLGQDNRNGDLLAALDRYFNAADYDDSQLDMGTGLRYTGVGPGNLPIMTAPAYVPGTTYAQGALVSYQGYVWQTKWG
YITSAPGSDSAWLKVGRVA
;
_entity_poly.pdbx_strand_id   A,B
#
loop_
_chem_comp.id
_chem_comp.type
_chem_comp.name
_chem_comp.formula
GOL non-polymer GLYCEROL 'C3 H8 O3'
SO4 non-polymer 'SULFATE ION' 'O4 S -2'
#
# COMPACT_ATOMS: atom_id res chain seq x y z
N SER A 2 -3.72 18.37 33.76
CA SER A 2 -3.47 19.79 34.13
C SER A 2 -2.00 20.23 33.92
N THR A 3 -1.19 19.43 33.21
CA THR A 3 0.20 19.82 32.92
C THR A 3 0.11 21.14 32.16
N ARG A 4 0.94 22.11 32.51
CA ARG A 4 0.87 23.40 31.80
C ARG A 4 1.20 23.22 30.31
N LYS A 5 0.46 23.89 29.44
CA LYS A 5 0.72 23.77 28.01
C LYS A 5 1.97 24.59 27.66
N ALA A 6 2.81 24.05 26.79
CA ALA A 6 3.98 24.80 26.36
C ALA A 6 3.56 25.97 25.47
N VAL A 7 4.27 27.10 25.63
CA VAL A 7 4.05 28.28 24.78
C VAL A 7 5.48 28.59 24.31
N ILE A 8 5.77 28.20 23.07
CA ILE A 8 7.11 28.30 22.49
C ILE A 8 7.20 29.34 21.42
N GLY A 9 7.84 30.46 21.77
CA GLY A 9 8.00 31.50 20.78
C GLY A 9 9.40 31.62 20.21
N TYR A 10 9.48 31.64 18.90
CA TYR A 10 10.78 31.87 18.28
C TYR A 10 11.11 33.34 18.45
N TYR A 11 12.40 33.62 18.67
CA TYR A 11 12.92 34.99 18.74
C TYR A 11 13.94 34.95 17.60
N PHE A 12 13.62 35.64 16.50
CA PHE A 12 14.54 35.61 15.36
C PHE A 12 15.23 36.95 15.23
N ILE A 13 16.55 36.94 15.10
CA ILE A 13 17.27 38.19 14.92
C ILE A 13 18.36 37.94 13.90
N PRO A 14 18.30 38.69 12.78
CA PRO A 14 19.32 38.48 11.76
C PRO A 14 20.71 38.99 12.18
N THR A 15 21.72 38.40 11.58
CA THR A 15 23.09 38.74 11.91
C THR A 15 23.38 40.23 11.94
N ASN A 16 22.91 40.97 10.93
CA ASN A 16 23.19 42.42 10.88
C ASN A 16 22.57 43.14 12.07
N GLN A 17 21.49 42.61 12.60
CA GLN A 17 20.86 43.24 13.76
C GLN A 17 21.62 42.92 15.05
N ILE A 18 22.18 41.72 15.13
CA ILE A 18 22.98 41.34 16.30
C ILE A 18 24.24 42.23 16.26
N ASN A 19 24.79 42.41 15.07
CA ASN A 19 25.99 43.22 14.96
C ASN A 19 25.83 44.69 15.24
N ASN A 20 24.61 45.19 15.16
CA ASN A 20 24.32 46.60 15.41
C ASN A 20 23.27 46.71 16.50
N TYR A 21 23.27 45.73 17.39
CA TYR A 21 22.25 45.68 18.40
C TYR A 21 22.09 46.92 19.25
N THR A 22 20.84 47.35 19.39
CA THR A 22 20.49 48.49 20.21
C THR A 22 19.06 48.27 20.67
N GLU A 23 18.74 48.80 21.82
CA GLU A 23 17.39 48.68 22.32
C GLU A 23 16.73 50.03 22.27
N THR A 24 17.33 50.98 21.55
CA THR A 24 16.74 52.31 21.51
C THR A 24 16.54 52.87 20.13
N ASP A 25 16.50 51.98 19.13
CA ASP A 25 16.28 52.47 17.78
C ASP A 25 15.64 51.41 16.90
N THR A 26 14.31 51.41 16.88
CA THR A 26 13.57 50.42 16.10
C THR A 26 13.86 50.47 14.61
N SER A 27 14.52 51.53 14.13
CA SER A 27 14.82 51.54 12.71
C SER A 27 16.00 50.59 12.49
N VAL A 28 16.74 50.28 13.56
CA VAL A 28 17.89 49.40 13.44
C VAL A 28 17.55 47.97 13.95
N VAL A 29 16.98 47.89 15.15
CA VAL A 29 16.57 46.60 15.70
C VAL A 29 15.12 46.82 16.07
N PRO A 30 14.20 46.35 15.20
CA PRO A 30 12.75 46.49 15.38
C PRO A 30 12.20 45.89 16.68
N PHE A 31 12.80 44.76 17.07
CA PHE A 31 12.31 44.06 18.24
C PHE A 31 13.41 43.59 19.17
N PRO A 32 13.97 44.52 19.95
CA PRO A 32 15.04 44.12 20.86
C PRO A 32 14.46 43.31 22.02
N VAL A 33 15.35 42.70 22.78
CA VAL A 33 14.96 41.86 23.90
C VAL A 33 14.16 42.60 24.98
N SER A 34 14.45 43.90 25.16
CA SER A 34 13.70 44.66 26.15
C SER A 34 12.19 44.71 25.86
N ASN A 35 11.77 44.34 24.64
CA ASN A 35 10.33 44.33 24.34
C ASN A 35 9.64 43.15 25.05
N ILE A 36 10.45 42.19 25.48
CA ILE A 36 9.94 41.02 26.20
C ILE A 36 10.00 41.40 27.68
N THR A 37 8.94 42.08 28.11
CA THR A 37 8.77 42.56 29.48
C THR A 37 8.57 41.36 30.40
N PRO A 38 8.68 41.57 31.73
CA PRO A 38 8.48 40.46 32.66
C PRO A 38 7.12 39.83 32.47
N ALA A 39 6.10 40.63 32.17
CA ALA A 39 4.77 40.02 31.99
C ALA A 39 4.77 39.09 30.75
N LYS A 40 5.48 39.47 29.69
CA LYS A 40 5.53 38.62 28.52
C LYS A 40 6.40 37.38 28.79
N ALA A 41 7.47 37.55 29.55
CA ALA A 41 8.36 36.44 29.88
C ALA A 41 7.59 35.39 30.67
N LYS A 42 6.66 35.82 31.50
CA LYS A 42 5.88 34.86 32.28
C LYS A 42 4.86 34.08 31.43
N GLN A 43 4.51 34.64 30.27
CA GLN A 43 3.53 34.00 29.40
C GLN A 43 4.15 32.95 28.46
N LEU A 44 5.48 32.92 28.40
CA LEU A 44 6.20 31.95 27.57
C LEU A 44 6.74 30.81 28.41
N THR A 45 6.86 29.61 27.82
CA THR A 45 7.52 28.55 28.55
C THR A 45 8.89 28.37 27.86
N HIS A 46 8.98 28.74 26.58
CA HIS A 46 10.25 28.59 25.86
C HIS A 46 10.38 29.72 24.86
N ILE A 47 11.62 30.15 24.63
CA ILE A 47 11.94 31.11 23.60
C ILE A 47 12.99 30.38 22.74
N ASN A 48 12.73 30.21 21.45
CA ASN A 48 13.71 29.56 20.57
C ASN A 48 14.53 30.62 19.87
N PHE A 49 15.73 30.87 20.39
CA PHE A 49 16.62 31.85 19.76
C PHE A 49 17.01 31.31 18.38
N SER A 50 16.90 32.13 17.34
CA SER A 50 17.20 31.62 16.01
C SER A 50 17.89 32.65 15.10
N PHE A 51 18.78 32.22 14.21
CA PHE A 51 19.14 30.80 13.96
C PHE A 51 20.64 30.62 13.98
N LEU A 52 21.07 29.46 14.48
CA LEU A 52 22.48 29.07 14.37
C LEU A 52 22.49 28.09 13.17
N ASP A 53 23.66 27.58 12.80
CA ASP A 53 23.77 26.78 11.60
C ASP A 53 24.71 25.60 11.85
N ILE A 54 25.00 24.82 10.81
CA ILE A 54 26.01 23.75 10.92
C ILE A 54 27.07 24.20 9.89
N ASN A 55 28.31 24.42 10.34
CA ASN A 55 29.39 24.89 9.45
C ASN A 55 30.12 23.76 8.72
N SER A 56 31.15 24.13 7.94
CA SER A 56 31.91 23.15 7.18
C SER A 56 32.66 22.12 8.06
N ASN A 57 32.87 22.42 9.34
CA ASN A 57 33.54 21.46 10.24
C ASN A 57 32.48 20.48 10.75
N LEU A 58 31.25 20.63 10.25
CA LEU A 58 30.11 19.79 10.63
C LEU A 58 29.81 19.89 12.14
N GLU A 59 29.89 21.11 12.63
CA GLU A 59 29.58 21.43 14.01
C GLU A 59 28.59 22.58 14.05
N CYS A 60 27.79 22.59 15.13
CA CYS A 60 26.86 23.67 15.38
C CYS A 60 27.72 24.93 15.52
N ALA A 61 27.27 26.04 14.94
CA ALA A 61 28.02 27.28 15.00
C ALA A 61 27.18 28.48 14.56
N TRP A 62 27.57 29.66 15.04
CA TRP A 62 26.92 30.91 14.69
C TRP A 62 27.33 31.27 13.26
N ASP A 63 26.52 32.08 12.57
CA ASP A 63 26.85 32.54 11.21
C ASP A 63 28.25 33.15 11.44
N PRO A 64 29.25 32.81 10.60
CA PRO A 64 30.59 33.38 10.82
C PRO A 64 30.72 34.90 10.79
N ALA A 65 29.75 35.58 10.22
CA ALA A 65 29.78 37.03 10.17
C ALA A 65 29.32 37.62 11.51
N THR A 66 28.95 36.77 12.47
CA THR A 66 28.47 37.32 13.72
C THR A 66 29.50 37.94 14.65
N ASN A 67 29.22 39.13 15.15
CA ASN A 67 30.11 39.72 16.17
C ASN A 67 29.78 38.90 17.44
N ASP A 68 30.68 38.02 17.86
CA ASP A 68 30.44 37.17 19.02
C ASP A 68 30.12 37.89 20.34
N ALA A 69 30.86 38.95 20.64
CA ALA A 69 30.60 39.67 21.89
C ALA A 69 29.16 40.17 21.88
N LYS A 70 28.71 40.67 20.73
CA LYS A 70 27.35 41.18 20.61
C LYS A 70 26.34 40.03 20.74
N ALA A 71 26.65 38.91 20.13
CA ALA A 71 25.75 37.75 20.21
C ALA A 71 25.58 37.32 21.67
N ARG A 72 26.68 37.25 22.43
CA ARG A 72 26.57 36.81 23.81
C ARG A 72 25.73 37.81 24.61
N ASP A 73 25.90 39.09 24.30
CA ASP A 73 25.12 40.09 25.01
C ASP A 73 23.62 39.91 24.77
N VAL A 74 23.25 39.63 23.52
CA VAL A 74 21.84 39.42 23.20
C VAL A 74 21.34 38.17 23.93
N VAL A 75 22.10 37.08 23.88
CA VAL A 75 21.66 35.84 24.52
C VAL A 75 21.55 36.04 26.05
N ASN A 76 22.51 36.78 26.62
CA ASN A 76 22.50 37.05 28.06
C ASN A 76 21.26 37.83 28.45
N ARG A 77 20.78 38.69 27.56
CA ARG A 77 19.58 39.46 27.85
C ARG A 77 18.37 38.52 27.88
N LEU A 78 18.35 37.57 26.95
CA LEU A 78 17.25 36.59 26.93
C LEU A 78 17.32 35.69 28.20
N THR A 79 18.49 35.18 28.52
CA THR A 79 18.55 34.31 29.72
C THR A 79 18.28 35.02 31.03
N ALA A 80 18.50 36.34 31.05
CA ALA A 80 18.24 37.14 32.23
C ALA A 80 16.73 37.12 32.49
N LEU A 81 15.95 36.91 31.44
CA LEU A 81 14.49 36.89 31.61
C LEU A 81 14.05 35.76 32.53
N LYS A 82 14.88 34.72 32.67
CA LYS A 82 14.52 33.62 33.56
C LYS A 82 14.29 34.08 35.00
N ALA A 83 14.83 35.24 35.34
CA ALA A 83 14.62 35.79 36.69
C ALA A 83 13.12 36.01 36.94
N HIS A 84 12.35 36.19 35.86
CA HIS A 84 10.91 36.45 35.99
C HIS A 84 10.02 35.22 35.84
N ASN A 85 10.57 34.10 35.41
CA ASN A 85 9.76 32.91 35.18
C ASN A 85 10.68 31.70 35.33
N PRO A 86 10.61 31.00 36.47
CA PRO A 86 11.46 29.82 36.72
C PRO A 86 11.21 28.59 35.87
N SER A 87 10.21 28.65 35.00
CA SER A 87 9.97 27.51 34.13
C SER A 87 10.50 27.85 32.74
N LEU A 88 10.86 29.11 32.52
CA LEU A 88 11.29 29.52 31.19
C LEU A 88 12.62 28.91 30.72
N ARG A 89 12.62 28.48 29.47
CA ARG A 89 13.84 27.97 28.83
C ARG A 89 14.25 28.81 27.62
N ILE A 90 15.54 29.16 27.50
CA ILE A 90 15.95 29.86 26.27
C ILE A 90 16.66 28.79 25.41
N MET A 91 15.96 28.26 24.41
CA MET A 91 16.48 27.25 23.51
C MET A 91 17.22 27.98 22.39
N PHE A 92 18.08 27.25 21.67
CA PHE A 92 18.63 27.84 20.45
C PHE A 92 18.24 26.86 19.32
N SER A 93 17.92 27.43 18.16
CA SER A 93 17.47 26.64 17.00
C SER A 93 18.56 26.62 15.92
N ILE A 94 18.85 25.44 15.42
CA ILE A 94 19.85 25.26 14.38
C ILE A 94 19.15 24.98 13.06
N GLY A 95 19.41 25.83 12.06
CA GLY A 95 18.83 25.56 10.74
C GLY A 95 17.89 26.63 10.22
N GLY A 96 16.64 26.23 9.99
CA GLY A 96 15.68 27.14 9.39
C GLY A 96 15.74 26.90 7.87
N TRP A 97 14.76 27.43 7.15
CA TRP A 97 14.70 27.21 5.70
C TRP A 97 15.91 27.72 4.94
N TYR A 98 16.29 28.96 5.20
CA TYR A 98 17.41 29.54 4.48
C TYR A 98 18.68 28.70 4.49
N TYR A 99 19.11 28.26 5.68
CA TYR A 99 20.32 27.46 5.78
C TYR A 99 20.20 26.03 5.35
N SER A 100 19.08 25.41 5.71
CA SER A 100 18.96 23.98 5.51
C SER A 100 18.10 23.37 4.45
N ASN A 101 17.38 24.17 3.66
CA ASN A 101 16.53 23.54 2.64
C ASN A 101 17.42 22.86 1.59
N ASP A 102 16.85 21.96 0.78
CA ASP A 102 17.64 21.20 -0.20
C ASP A 102 18.59 22.07 -1.04
N LEU A 103 18.15 23.28 -1.36
CA LEU A 103 18.92 24.19 -2.19
C LEU A 103 19.50 25.34 -1.37
N GLY A 104 19.56 25.14 -0.05
CA GLY A 104 20.04 26.20 0.83
C GLY A 104 21.56 26.25 0.94
N VAL A 105 22.06 27.40 1.34
CA VAL A 105 23.51 27.57 1.43
C VAL A 105 24.28 26.56 2.24
N SER A 106 23.68 26.03 3.31
CA SER A 106 24.42 25.10 4.14
C SER A 106 23.92 23.67 4.13
N HIS A 107 23.06 23.33 3.17
CA HIS A 107 22.46 22.01 3.16
C HIS A 107 23.42 20.81 3.26
N ALA A 108 24.52 20.85 2.52
CA ALA A 108 25.45 19.72 2.56
C ALA A 108 25.97 19.46 3.97
N ASN A 109 26.10 20.53 4.76
CA ASN A 109 26.58 20.38 6.14
C ASN A 109 25.63 19.57 7.04
N TYR A 110 24.31 19.72 6.83
CA TYR A 110 23.36 18.94 7.61
C TYR A 110 23.45 17.49 7.16
N VAL A 111 23.45 17.29 5.85
CA VAL A 111 23.53 15.95 5.30
C VAL A 111 24.79 15.24 5.81
N ASN A 112 25.92 15.92 5.74
CA ASN A 112 27.19 15.31 6.16
C ASN A 112 27.35 15.14 7.67
N ALA A 113 26.79 16.06 8.44
CA ALA A 113 26.92 15.96 9.89
C ALA A 113 26.29 14.70 10.48
N VAL A 114 25.22 14.19 9.88
CA VAL A 114 24.56 13.01 10.43
C VAL A 114 24.94 11.66 9.81
N LYS A 115 25.87 11.68 8.86
CA LYS A 115 26.30 10.49 8.10
C LYS A 115 26.94 9.30 8.83
N THR A 116 27.88 9.58 9.73
CA THR A 116 28.60 8.53 10.44
C THR A 116 28.58 8.63 11.96
N PRO A 117 28.96 7.54 12.64
CA PRO A 117 28.98 7.57 14.10
C PRO A 117 29.92 8.67 14.56
N ALA A 118 31.05 8.83 13.85
CA ALA A 118 32.01 9.87 14.19
C ALA A 118 31.46 11.27 13.96
N SER A 119 30.85 11.51 12.78
CA SER A 119 30.30 12.85 12.50
C SER A 119 29.14 13.14 13.46
N ARG A 120 28.30 12.13 13.75
CA ARG A 120 27.19 12.36 14.69
C ARG A 120 27.69 12.68 16.10
N ALA A 121 28.73 11.98 16.55
CA ALA A 121 29.26 12.26 17.88
C ALA A 121 29.85 13.68 17.91
N LYS A 122 30.55 14.05 16.84
CA LYS A 122 31.17 15.36 16.78
C LYS A 122 30.09 16.46 16.76
N PHE A 123 29.06 16.23 15.96
CA PHE A 123 27.99 17.24 15.87
C PHE A 123 27.25 17.38 17.20
N ALA A 124 26.86 16.24 17.76
CA ALA A 124 26.15 16.21 19.04
C ALA A 124 26.97 16.93 20.13
N GLN A 125 28.26 16.60 20.24
CA GLN A 125 29.13 17.29 21.21
C GLN A 125 29.12 18.80 20.99
N SER A 126 29.18 19.25 19.75
CA SER A 126 29.18 20.67 19.48
C SER A 126 27.85 21.37 19.90
N CYS A 127 26.72 20.65 19.80
CA CYS A 127 25.43 21.25 20.20
C CYS A 127 25.45 21.50 21.71
N VAL A 128 25.90 20.51 22.46
CA VAL A 128 25.95 20.68 23.92
C VAL A 128 26.99 21.72 24.29
N ARG A 129 28.10 21.76 23.57
CA ARG A 129 29.11 22.77 23.89
C ARG A 129 28.57 24.19 23.66
N ILE A 130 27.95 24.41 22.52
CA ILE A 130 27.38 25.72 22.25
C ILE A 130 26.33 26.03 23.33
N MET A 131 25.49 25.04 23.64
CA MET A 131 24.44 25.26 24.66
C MET A 131 25.06 25.75 25.98
N LYS A 132 26.06 25.02 26.47
CA LYS A 132 26.69 25.42 27.74
C LYS A 132 27.48 26.73 27.68
N ASP A 133 28.18 26.95 26.58
CA ASP A 133 29.03 28.13 26.43
C ASP A 133 28.24 29.44 26.37
N TYR A 134 27.11 29.42 25.67
CA TYR A 134 26.29 30.61 25.55
C TYR A 134 25.19 30.70 26.61
N GLY A 135 24.99 29.63 27.36
CA GLY A 135 23.98 29.65 28.41
C GLY A 135 22.56 29.29 28.01
N PHE A 136 22.41 28.54 26.93
CA PHE A 136 21.07 28.12 26.48
C PHE A 136 20.60 26.94 27.33
N ASP A 137 19.31 26.67 27.23
CA ASP A 137 18.67 25.62 28.02
C ASP A 137 18.25 24.38 27.25
N GLY A 138 18.52 24.34 25.95
CA GLY A 138 18.14 23.16 25.20
C GLY A 138 18.46 23.44 23.74
N VAL A 139 18.24 22.42 22.92
CA VAL A 139 18.56 22.44 21.49
C VAL A 139 17.30 22.18 20.64
N ASP A 140 17.10 22.98 19.60
CA ASP A 140 15.94 22.80 18.71
C ASP A 140 16.53 22.60 17.31
N ILE A 141 16.31 21.43 16.71
CA ILE A 141 16.86 21.21 15.36
C ILE A 141 15.78 21.55 14.33
N ASN A 142 16.12 22.46 13.43
CA ASN A 142 15.22 22.90 12.38
C ASN A 142 15.77 22.59 10.97
N TRP A 143 15.95 21.31 10.66
CA TRP A 143 16.43 20.93 9.33
C TRP A 143 15.18 20.77 8.47
N GLU A 144 15.08 21.58 7.43
CA GLU A 144 13.90 21.52 6.57
C GLU A 144 14.22 21.02 5.15
N TYR A 145 14.37 19.70 4.94
CA TYR A 145 14.13 18.63 5.91
C TYR A 145 15.00 17.41 5.51
N PRO A 146 15.32 16.53 6.47
CA PRO A 146 16.12 15.37 6.07
C PRO A 146 15.29 14.50 5.08
N GLN A 147 15.96 13.95 4.06
CA GLN A 147 15.26 13.13 3.09
C GLN A 147 15.37 11.68 3.51
N ALA A 148 14.48 10.86 2.97
CA ALA A 148 14.41 9.44 3.35
C ALA A 148 15.75 8.74 3.65
N ALA A 149 16.70 8.87 2.74
CA ALA A 149 18.01 8.23 2.89
C ALA A 149 18.82 8.77 4.07
N GLU A 150 18.51 9.99 4.50
CA GLU A 150 19.21 10.65 5.59
C GLU A 150 18.52 10.51 6.94
N VAL A 151 17.32 9.94 6.96
CA VAL A 151 16.56 9.83 8.19
C VAL A 151 17.18 8.96 9.30
N ASP A 152 17.73 7.81 8.95
CA ASP A 152 18.34 6.96 9.97
C ASP A 152 19.51 7.71 10.65
N GLY A 153 20.25 8.50 9.86
CA GLY A 153 21.37 9.28 10.40
C GLY A 153 20.83 10.38 11.32
N PHE A 154 19.81 11.04 10.85
CA PHE A 154 19.13 12.12 11.60
C PHE A 154 18.64 11.55 12.95
N ILE A 155 17.98 10.41 12.93
CA ILE A 155 17.48 9.77 14.14
C ILE A 155 18.64 9.46 15.10
N ALA A 156 19.73 8.93 14.55
CA ALA A 156 20.86 8.57 15.40
C ALA A 156 21.44 9.82 16.03
N ALA A 157 21.49 10.90 15.25
CA ALA A 157 22.02 12.17 15.78
C ALA A 157 21.15 12.69 16.93
N LEU A 158 19.83 12.60 16.78
CA LEU A 158 18.94 13.07 17.85
C LEU A 158 19.15 12.21 19.10
N GLN A 159 19.33 10.90 18.90
CA GLN A 159 19.53 9.99 20.04
C GLN A 159 20.82 10.34 20.75
N GLU A 160 21.87 10.66 19.99
CA GLU A 160 23.15 11.02 20.61
C GLU A 160 23.05 12.35 21.36
N ILE A 161 22.35 13.32 20.78
CA ILE A 161 22.20 14.58 21.50
C ILE A 161 21.42 14.35 22.79
N ARG A 162 20.37 13.51 22.74
CA ARG A 162 19.56 13.23 23.93
C ARG A 162 20.44 12.57 25.02
N THR A 163 21.26 11.62 24.61
CA THR A 163 22.15 10.98 25.57
C THR A 163 23.06 12.02 26.26
N LEU A 164 23.69 12.90 25.50
CA LEU A 164 24.56 13.93 26.05
C LEU A 164 23.82 14.96 26.92
N LEU A 165 22.60 15.30 26.51
CA LEU A 165 21.82 16.28 27.30
C LEU A 165 21.38 15.69 28.66
N ASN A 166 20.94 14.44 28.64
CA ASN A 166 20.53 13.82 29.90
C ASN A 166 21.75 13.72 30.81
N GLN A 167 22.91 13.41 30.24
CA GLN A 167 24.13 13.40 31.05
C GLN A 167 24.40 14.80 31.61
N GLN A 168 24.28 15.83 30.77
CA GLN A 168 24.57 17.19 31.20
C GLN A 168 23.60 17.66 32.30
N THR A 169 22.33 17.29 32.18
CA THR A 169 21.32 17.65 33.18
C THR A 169 21.76 17.14 34.56
N ILE A 170 22.24 15.91 34.63
CA ILE A 170 22.67 15.35 35.93
C ILE A 170 23.92 16.07 36.45
N THR A 171 24.89 16.25 35.56
CA THR A 171 26.13 16.94 35.90
C THR A 171 25.91 18.38 36.37
N ASP A 172 24.85 19.03 35.88
CA ASP A 172 24.58 20.42 36.24
C ASP A 172 23.44 20.57 37.30
N GLY A 173 22.97 19.45 37.82
CA GLY A 173 21.93 19.48 38.84
C GLY A 173 20.63 20.09 38.37
N ARG A 174 20.27 19.85 37.10
CA ARG A 174 19.08 20.45 36.48
C ARG A 174 17.85 19.55 36.45
N GLN A 175 17.76 18.65 37.42
CA GLN A 175 16.59 17.75 37.49
C GLN A 175 15.27 18.57 37.51
N ALA A 176 15.29 19.75 38.13
CA ALA A 176 14.07 20.57 38.19
C ALA A 176 13.72 21.22 36.82
N LEU A 177 14.71 21.39 35.95
CA LEU A 177 14.48 22.03 34.63
C LEU A 177 15.49 21.38 33.68
N PRO A 178 15.28 20.12 33.31
CA PRO A 178 16.22 19.40 32.44
C PRO A 178 16.44 20.05 31.10
N TYR A 179 17.64 19.87 30.56
CA TYR A 179 17.93 20.39 29.24
C TYR A 179 16.99 19.63 28.31
N GLN A 180 16.51 20.31 27.27
CA GLN A 180 15.54 19.70 26.35
C GLN A 180 16.01 19.67 24.91
N LEU A 181 15.35 18.80 24.13
CA LEU A 181 15.67 18.67 22.71
C LEU A 181 14.35 18.66 21.97
N THR A 182 14.25 19.50 20.95
CA THR A 182 13.02 19.54 20.16
C THR A 182 13.41 19.67 18.70
N ILE A 183 12.45 19.44 17.81
CA ILE A 183 12.71 19.76 16.40
C ILE A 183 11.50 20.51 15.89
N ALA A 184 11.68 21.23 14.79
CA ALA A 184 10.58 21.91 14.09
C ALA A 184 10.22 20.86 13.04
N GLY A 185 9.01 20.30 13.13
CA GLY A 185 8.61 19.29 12.17
C GLY A 185 7.74 19.86 11.06
N ALA A 186 7.73 19.16 9.93
CA ALA A 186 6.90 19.57 8.81
C ALA A 186 5.44 19.62 9.31
N GLY A 187 4.71 20.60 8.82
CA GLY A 187 3.29 20.72 9.15
C GLY A 187 2.36 20.45 7.97
N GLY A 188 2.91 19.86 6.90
CA GLY A 188 2.14 19.58 5.68
C GLY A 188 2.64 18.23 5.16
N ALA A 189 1.74 17.45 4.59
CA ALA A 189 2.06 16.12 4.15
C ALA A 189 3.20 15.95 3.15
N PHE A 190 3.42 16.94 2.30
CA PHE A 190 4.45 16.80 1.28
C PHE A 190 5.86 16.65 1.86
N PHE A 191 6.22 17.61 2.71
CA PHE A 191 7.52 17.51 3.37
C PHE A 191 7.49 16.42 4.44
N LEU A 192 6.36 16.27 5.09
CA LEU A 192 6.26 15.24 6.13
C LEU A 192 6.54 13.85 5.55
N SER A 193 6.15 13.62 4.29
CA SER A 193 6.35 12.28 3.72
C SER A 193 7.81 11.85 3.63
N ARG A 194 8.74 12.79 3.77
CA ARG A 194 10.15 12.41 3.74
C ARG A 194 10.58 11.47 4.88
N TYR A 195 10.04 11.68 6.07
CA TYR A 195 10.45 10.89 7.23
C TYR A 195 9.29 10.29 7.99
N TYR A 196 8.07 10.47 7.44
CA TYR A 196 6.87 10.00 8.14
C TYR A 196 6.93 8.56 8.62
N SER A 197 7.49 7.66 7.82
CA SER A 197 7.52 6.24 8.17
C SER A 197 8.26 5.96 9.47
N LYS A 198 9.21 6.82 9.81
CA LYS A 198 10.00 6.63 11.03
C LYS A 198 9.70 7.70 12.10
N LEU A 199 8.46 8.22 12.10
CA LEU A 199 8.08 9.25 13.06
C LEU A 199 8.28 8.84 14.50
N ALA A 200 7.95 7.59 14.85
CA ALA A 200 8.13 7.18 16.26
C ALA A 200 9.58 7.29 16.71
N GLN A 201 10.51 6.89 15.84
CA GLN A 201 11.92 6.96 16.21
C GLN A 201 12.43 8.39 16.31
N ILE A 202 11.91 9.25 15.44
CA ILE A 202 12.30 10.65 15.45
C ILE A 202 11.82 11.38 16.71
N VAL A 203 10.60 11.07 17.13
CA VAL A 203 9.99 11.72 18.27
C VAL A 203 10.46 11.16 19.62
N ALA A 204 10.92 9.90 19.65
CA ALA A 204 11.34 9.30 20.92
C ALA A 204 12.36 10.14 21.72
N PRO A 205 13.42 10.64 21.07
CA PRO A 205 14.40 11.44 21.82
C PRO A 205 14.01 12.87 22.15
N LEU A 206 12.84 13.29 21.67
CA LEU A 206 12.41 14.68 21.83
C LEU A 206 11.47 14.96 22.99
N ASP A 207 11.54 16.19 23.48
CA ASP A 207 10.58 16.64 24.48
C ASP A 207 9.31 17.06 23.68
N TYR A 208 9.51 17.66 22.49
CA TYR A 208 8.38 18.09 21.68
C TYR A 208 8.77 18.07 20.21
N ILE A 209 7.77 17.88 19.35
CA ILE A 209 7.97 18.01 17.92
C ILE A 209 7.02 19.21 17.62
N ASN A 210 7.62 20.32 17.23
CA ASN A 210 6.88 21.57 16.98
C ASN A 210 6.49 21.64 15.51
N LEU A 211 5.20 21.36 15.23
CA LEU A 211 4.72 21.31 13.86
C LEU A 211 4.59 22.67 13.23
N MET A 212 5.23 22.85 12.09
CA MET A 212 5.14 24.12 11.40
C MET A 212 3.84 24.13 10.60
N THR A 213 2.74 24.15 11.34
CA THR A 213 1.41 24.14 10.73
C THR A 213 0.96 25.55 10.29
N TYR A 214 1.70 26.06 9.30
CA TYR A 214 1.44 27.36 8.67
C TYR A 214 2.17 27.32 7.31
N ASP A 215 2.12 28.39 6.51
CA ASP A 215 2.69 28.32 5.17
C ASP A 215 2.03 27.14 4.38
N LEU A 216 0.78 26.81 4.71
CA LEU A 216 0.09 25.76 3.96
C LEU A 216 -0.56 26.37 2.68
N ALA A 217 -0.38 27.68 2.51
CA ALA A 217 -0.84 28.40 1.33
C ALA A 217 0.21 29.47 1.11
N GLY A 218 0.32 29.98 -0.11
CA GLY A 218 1.32 31.01 -0.38
C GLY A 218 1.37 31.23 -1.88
N PRO A 219 2.13 32.24 -2.34
CA PRO A 219 2.26 32.58 -3.77
C PRO A 219 2.77 31.49 -4.69
N TRP A 220 3.41 30.47 -4.13
CA TRP A 220 3.91 29.32 -4.92
C TRP A 220 2.75 28.39 -5.32
N GLU A 221 1.57 28.63 -4.76
CA GLU A 221 0.39 27.84 -5.10
C GLU A 221 -0.48 28.68 -6.04
N LYS A 222 -1.12 28.03 -7.01
CA LYS A 222 -1.94 28.73 -7.99
C LYS A 222 -3.22 29.31 -7.42
N VAL A 223 -3.76 28.68 -6.38
CA VAL A 223 -5.01 29.15 -5.81
C VAL A 223 -4.78 29.79 -4.44
N THR A 224 -5.30 31.01 -4.23
CA THR A 224 -5.16 31.66 -2.93
C THR A 224 -5.90 30.79 -1.89
N ASN A 225 -5.36 30.71 -0.68
CA ASN A 225 -5.99 29.88 0.34
C ASN A 225 -5.47 30.32 1.73
N HIS A 226 -6.12 29.82 2.77
CA HIS A 226 -5.70 30.13 4.13
C HIS A 226 -4.38 29.38 4.37
N GLN A 227 -3.42 30.02 5.01
CA GLN A 227 -2.11 29.35 5.19
C GLN A 227 -2.08 28.48 6.45
N ALA A 228 -3.10 28.63 7.30
CA ALA A 228 -3.18 27.84 8.52
C ALA A 228 -4.61 27.55 8.93
N ALA A 229 -5.43 27.07 7.99
CA ALA A 229 -6.82 26.70 8.33
C ALA A 229 -6.77 25.60 9.39
N LEU A 230 -7.60 25.69 10.43
CA LEU A 230 -7.64 24.65 11.46
C LEU A 230 -8.31 23.41 10.83
N PHE A 231 -9.48 23.66 10.23
CA PHE A 231 -10.25 22.59 9.55
C PHE A 231 -10.48 22.93 8.07
N GLY A 232 -10.94 21.95 7.29
CA GLY A 232 -11.10 22.25 5.88
C GLY A 232 -12.42 22.88 5.42
N ASP A 233 -12.38 23.55 4.27
CA ASP A 233 -13.56 24.19 3.67
C ASP A 233 -13.68 23.48 2.32
N ALA A 234 -14.80 22.82 2.11
CA ALA A 234 -15.02 22.07 0.85
C ALA A 234 -14.93 22.96 -0.41
N ALA A 235 -15.17 24.26 -0.24
CA ALA A 235 -15.07 25.21 -1.33
C ALA A 235 -13.62 25.52 -1.66
N GLY A 236 -12.72 25.16 -0.76
CA GLY A 236 -11.32 25.47 -1.03
C GLY A 236 -10.57 24.39 -1.80
N PRO A 237 -9.30 24.64 -2.13
CA PRO A 237 -8.53 23.65 -2.88
C PRO A 237 -8.25 22.42 -2.02
N THR A 238 -7.94 21.30 -2.67
CA THR A 238 -7.60 20.08 -1.96
C THR A 238 -6.30 19.64 -2.59
N PHE A 239 -5.59 18.75 -1.89
CA PHE A 239 -4.26 18.32 -2.30
C PHE A 239 -4.08 16.82 -2.31
N TYR A 240 -3.10 16.40 -3.13
CA TYR A 240 -2.68 15.01 -3.23
C TYR A 240 -2.11 14.65 -1.85
N ASN A 241 -2.49 13.49 -1.30
CA ASN A 241 -1.98 13.06 0.02
C ASN A 241 -0.69 12.29 -0.16
N ALA A 242 0.43 13.02 -0.09
CA ALA A 242 1.74 12.45 -0.30
C ALA A 242 2.05 11.29 0.61
N LEU A 243 1.40 11.22 1.78
CA LEU A 243 1.75 10.16 2.71
C LEU A 243 1.46 8.75 2.19
N ARG A 244 0.52 8.64 1.25
CA ARG A 244 0.21 7.31 0.73
C ARG A 244 1.36 6.72 -0.10
N GLU A 245 2.36 7.56 -0.40
CA GLU A 245 3.55 7.16 -1.15
C GLU A 245 4.81 7.02 -0.27
N ALA A 246 4.66 7.20 1.05
CA ALA A 246 5.80 7.04 1.97
C ALA A 246 6.15 5.53 2.03
N ASN A 247 7.40 5.21 2.37
CA ASN A 247 7.82 3.80 2.42
C ASN A 247 7.38 3.17 3.72
N LEU A 248 6.08 2.89 3.79
CA LEU A 248 5.45 2.29 4.96
C LEU A 248 5.34 0.77 4.92
N GLY A 249 5.27 0.19 3.72
CA GLY A 249 5.10 -1.26 3.62
C GLY A 249 3.66 -1.68 3.92
N TRP A 250 2.71 -0.75 3.92
CA TRP A 250 1.32 -1.09 4.24
C TRP A 250 0.56 -1.56 3.01
N SER A 251 -0.60 -2.18 3.23
CA SER A 251 -1.42 -2.69 2.11
C SER A 251 -2.24 -1.57 1.48
N TRP A 252 -2.91 -1.86 0.36
CA TRP A 252 -3.72 -0.81 -0.27
C TRP A 252 -4.82 -0.32 0.71
N GLU A 253 -5.52 -1.25 1.36
CA GLU A 253 -6.58 -0.88 2.30
C GLU A 253 -6.04 -0.02 3.44
N GLU A 254 -4.88 -0.41 3.96
CA GLU A 254 -4.23 0.31 5.07
C GLU A 254 -3.88 1.74 4.65
N LEU A 255 -3.27 1.87 3.48
CA LEU A 255 -2.88 3.19 2.98
C LEU A 255 -4.12 4.07 2.69
N THR A 256 -5.14 3.49 2.06
CA THR A 256 -6.32 4.24 1.68
C THR A 256 -7.08 4.76 2.89
N ARG A 257 -7.17 3.93 3.91
CA ARG A 257 -7.89 4.29 5.15
C ARG A 257 -7.14 5.37 5.92
N ALA A 258 -5.83 5.33 5.87
CA ALA A 258 -5.03 6.34 6.59
C ALA A 258 -4.84 7.64 5.84
N PHE A 259 -4.81 7.54 4.50
CA PHE A 259 -4.51 8.70 3.67
C PHE A 259 -5.51 9.06 2.57
N PRO A 260 -6.68 9.55 2.94
CA PRO A 260 -7.65 9.93 1.89
C PRO A 260 -7.02 10.98 0.98
N SER A 261 -7.28 10.90 -0.32
CA SER A 261 -6.71 11.82 -1.28
C SER A 261 -7.73 12.04 -2.41
N PRO A 262 -7.94 13.32 -2.82
CA PRO A 262 -7.23 14.46 -2.23
C PRO A 262 -7.82 14.77 -0.86
N PHE A 263 -7.15 15.68 -0.15
CA PHE A 263 -7.60 16.05 1.20
C PHE A 263 -7.37 17.56 1.46
N SER A 264 -7.90 18.07 2.57
CA SER A 264 -7.72 19.50 2.89
C SER A 264 -6.45 19.68 3.74
N LEU A 265 -5.55 20.50 3.21
CA LEU A 265 -4.26 20.76 3.86
C LEU A 265 -4.50 21.74 5.00
N THR A 266 -4.69 21.20 6.20
CA THR A 266 -5.01 21.99 7.38
C THR A 266 -4.17 21.62 8.57
N VAL A 267 -4.28 22.44 9.61
CA VAL A 267 -3.58 22.18 10.88
C VAL A 267 -4.07 20.85 11.47
N ASP A 268 -5.39 20.64 11.50
CA ASP A 268 -5.95 19.39 12.03
C ASP A 268 -5.40 18.18 11.24
N ALA A 269 -5.25 18.34 9.94
CA ALA A 269 -4.72 17.24 9.14
C ALA A 269 -3.33 16.87 9.62
N ALA A 270 -2.46 17.86 9.84
CA ALA A 270 -1.09 17.53 10.26
C ALA A 270 -1.09 16.86 11.64
N VAL A 271 -1.89 17.38 12.57
CA VAL A 271 -1.93 16.81 13.90
C VAL A 271 -2.42 15.37 13.85
N GLN A 272 -3.51 15.15 13.12
CA GLN A 272 -4.08 13.79 13.03
C GLN A 272 -3.12 12.85 12.34
N GLN A 273 -2.41 13.34 11.33
CA GLN A 273 -1.46 12.49 10.64
C GLN A 273 -0.38 12.01 11.60
N HIS A 274 0.04 12.87 12.52
CA HIS A 274 1.05 12.42 13.46
C HIS A 274 0.48 11.37 14.43
N LEU A 275 -0.76 11.62 14.89
CA LEU A 275 -1.38 10.73 15.86
C LEU A 275 -1.71 9.36 15.29
N MET A 276 -1.77 9.25 13.96
CA MET A 276 -2.07 7.95 13.35
C MET A 276 -0.90 6.98 13.47
N MET A 277 0.29 7.47 13.83
CA MET A 277 1.45 6.58 13.95
C MET A 277 1.65 6.11 15.38
N GLU A 278 1.91 4.81 15.56
CA GLU A 278 2.09 4.30 16.92
C GLU A 278 3.35 4.90 17.49
N GLY A 279 3.36 5.17 18.79
CA GLY A 279 4.58 5.70 19.36
C GLY A 279 4.79 7.20 19.24
N VAL A 280 3.73 7.91 18.86
CA VAL A 280 3.80 9.39 18.75
C VAL A 280 2.75 9.90 19.75
N PRO A 281 3.16 10.17 20.99
CA PRO A 281 2.25 10.66 22.02
C PRO A 281 1.74 12.08 21.78
N SER A 282 0.44 12.27 22.03
CA SER A 282 -0.16 13.58 21.82
C SER A 282 0.58 14.64 22.62
N ALA A 283 0.98 14.29 23.84
CA ALA A 283 1.65 15.26 24.69
C ALA A 283 2.96 15.86 24.12
N LYS A 284 3.57 15.21 23.13
CA LYS A 284 4.81 15.73 22.56
C LYS A 284 4.54 16.59 21.31
N ILE A 285 3.30 16.53 20.82
CA ILE A 285 2.96 17.29 19.63
C ILE A 285 2.63 18.72 20.02
N VAL A 286 3.29 19.66 19.34
CA VAL A 286 3.03 21.09 19.60
C VAL A 286 2.57 21.72 18.28
N MET A 287 1.48 22.45 18.35
CA MET A 287 0.93 23.10 17.16
C MET A 287 1.60 24.46 16.89
N GLY A 288 2.21 24.62 15.73
CA GLY A 288 2.77 25.92 15.40
C GLY A 288 1.67 26.85 14.87
N VAL A 289 1.78 28.13 15.16
CA VAL A 289 0.83 29.10 14.61
C VAL A 289 1.69 30.25 14.11
N PRO A 290 1.20 31.00 13.12
CA PRO A 290 1.99 32.12 12.60
C PRO A 290 1.56 33.47 13.20
N PHE A 291 2.54 34.33 13.44
CA PHE A 291 2.28 35.70 13.92
C PHE A 291 2.42 36.63 12.73
N TYR A 292 2.24 36.09 11.52
CA TYR A 292 2.33 36.89 10.29
C TYR A 292 1.32 36.42 9.27
N GLY A 293 1.07 37.26 8.28
CA GLY A 293 0.14 36.87 7.25
C GLY A 293 0.87 36.82 5.90
N ARG A 294 0.27 36.13 4.93
CA ARG A 294 0.81 36.07 3.58
C ARG A 294 -0.20 36.77 2.66
N ALA A 295 0.33 37.61 1.79
CA ALA A 295 -0.47 38.45 0.87
C ALA A 295 -0.34 38.05 -0.60
N PHE A 296 -1.42 38.26 -1.34
CA PHE A 296 -1.46 37.92 -2.76
C PHE A 296 -2.06 39.10 -3.52
N LYS A 297 -1.59 39.36 -4.74
CA LYS A 297 -2.17 40.43 -5.56
C LYS A 297 -2.83 39.82 -6.80
N GLY A 298 -3.66 40.61 -7.48
CA GLY A 298 -4.34 40.16 -8.68
C GLY A 298 -5.45 39.16 -8.43
N VAL A 299 -6.07 39.19 -7.25
CA VAL A 299 -7.16 38.26 -6.99
C VAL A 299 -8.50 38.81 -7.50
N SER A 300 -9.45 37.92 -7.73
CA SER A 300 -10.79 38.20 -8.22
C SER A 300 -11.78 38.19 -7.08
N GLY A 301 -12.98 38.71 -7.34
CA GLY A 301 -14.02 38.79 -6.33
C GLY A 301 -14.98 37.63 -6.38
N GLY A 302 -15.88 37.55 -5.40
CA GLY A 302 -16.83 36.46 -5.38
C GLY A 302 -16.76 35.68 -4.09
N ASN A 303 -15.54 35.46 -3.61
CA ASN A 303 -15.30 34.72 -2.35
C ASN A 303 -14.36 35.53 -1.44
N GLY A 304 -14.40 36.86 -1.55
CA GLY A 304 -13.54 37.70 -0.73
C GLY A 304 -12.05 37.49 -0.95
N GLY A 305 -11.66 37.11 -2.16
CA GLY A 305 -10.24 36.89 -2.43
C GLY A 305 -9.81 35.45 -2.21
N GLN A 306 -10.63 34.68 -1.49
CA GLN A 306 -10.29 33.28 -1.26
C GLN A 306 -10.47 32.42 -2.51
N TYR A 307 -9.59 31.43 -2.68
CA TYR A 307 -9.70 30.44 -3.75
C TYR A 307 -9.78 31.05 -5.14
N SER A 308 -8.96 32.05 -5.35
CA SER A 308 -8.89 32.78 -6.60
C SER A 308 -7.54 32.57 -7.23
N SER A 309 -7.46 32.84 -8.54
CA SER A 309 -6.19 32.81 -9.23
C SER A 309 -5.54 34.15 -8.81
N HIS A 310 -4.24 34.31 -9.01
CA HIS A 310 -3.55 35.56 -8.61
C HIS A 310 -2.31 35.77 -9.47
N SER A 311 -1.66 36.91 -9.31
CA SER A 311 -0.46 37.23 -10.08
C SER A 311 0.70 37.56 -9.18
N THR A 312 0.82 36.82 -8.09
CA THR A 312 1.86 37.06 -7.13
C THR A 312 3.07 36.18 -7.44
N PRO A 313 4.27 36.79 -7.59
CA PRO A 313 5.50 36.04 -7.87
C PRO A 313 5.77 35.15 -6.66
N GLY A 314 6.22 33.92 -6.90
CA GLY A 314 6.51 32.99 -5.82
C GLY A 314 8.00 32.85 -5.50
N GLU A 315 8.84 33.43 -6.33
CA GLU A 315 10.29 33.30 -6.14
C GLU A 315 10.87 34.05 -4.94
N ASP A 316 11.99 33.55 -4.44
CA ASP A 316 12.70 34.22 -3.35
C ASP A 316 14.08 34.46 -3.96
N PRO A 317 14.62 35.69 -3.83
CA PRO A 317 13.97 36.81 -3.16
C PRO A 317 12.87 37.39 -4.05
N TYR A 318 12.03 38.27 -3.47
CA TYR A 318 10.96 38.91 -4.21
C TYR A 318 11.65 39.46 -5.47
N PRO A 319 11.23 39.01 -6.67
CA PRO A 319 11.80 39.40 -7.98
C PRO A 319 11.38 40.72 -8.61
N SER A 320 11.08 41.71 -7.77
CA SER A 320 10.60 43.00 -8.26
C SER A 320 10.83 44.08 -7.20
N THR A 321 10.46 45.32 -7.50
CA THR A 321 10.67 46.40 -6.54
C THR A 321 9.33 47.09 -6.30
N ASP A 322 8.28 46.44 -6.82
CA ASP A 322 6.93 46.91 -6.72
C ASP A 322 6.36 46.46 -5.37
N TYR A 323 6.22 47.39 -4.42
CA TYR A 323 5.69 47.06 -3.08
C TYR A 323 4.21 47.45 -3.07
N TRP A 324 3.40 46.50 -3.48
CA TRP A 324 1.97 46.67 -3.64
C TRP A 324 1.03 46.41 -2.49
N LEU A 325 1.57 46.05 -1.33
CA LEU A 325 0.67 45.79 -0.21
C LEU A 325 0.42 47.12 0.46
N VAL A 326 -0.64 47.78 0.02
CA VAL A 326 -1.00 49.11 0.52
C VAL A 326 -0.98 49.21 2.03
N GLY A 327 -0.28 50.23 2.53
CA GLY A 327 -0.23 50.46 3.96
C GLY A 327 0.85 49.68 4.68
N CYS A 328 1.49 48.74 4.00
CA CYS A 328 2.50 47.90 4.64
C CYS A 328 3.89 48.54 4.62
N GLU A 329 4.17 49.41 5.58
CA GLU A 329 5.47 50.08 5.63
C GLU A 329 6.60 49.07 5.88
N GLU A 330 6.35 48.08 6.72
CA GLU A 330 7.35 47.06 7.00
C GLU A 330 7.77 46.34 5.70
N CYS A 331 6.82 46.13 4.79
CA CYS A 331 7.12 45.42 3.55
C CYS A 331 8.12 46.17 2.70
N VAL A 332 8.04 47.50 2.74
CA VAL A 332 8.96 48.35 1.98
C VAL A 332 10.34 48.21 2.65
N ARG A 333 10.37 48.31 3.98
CA ARG A 333 11.63 48.17 4.72
C ARG A 333 12.28 46.81 4.46
N ASP A 334 11.47 45.76 4.44
CA ASP A 334 12.00 44.41 4.24
C ASP A 334 11.97 43.93 2.79
N LYS A 335 11.56 44.84 1.91
CA LYS A 335 11.51 44.62 0.47
C LYS A 335 10.74 43.38 0.01
N ASP A 336 9.52 43.21 0.50
CA ASP A 336 8.69 42.07 0.10
C ASP A 336 7.24 42.34 0.53
N PRO A 337 6.34 42.54 -0.43
CA PRO A 337 4.95 42.80 -0.07
C PRO A 337 4.12 41.55 0.15
N ARG A 338 4.76 40.38 0.11
CA ARG A 338 4.02 39.12 0.23
C ARG A 338 3.87 38.58 1.66
N ILE A 339 4.52 39.23 2.60
CA ILE A 339 4.44 38.79 3.99
C ILE A 339 4.39 40.02 4.90
N ALA A 340 3.60 39.96 5.97
CA ALA A 340 3.45 41.11 6.88
C ALA A 340 3.20 40.62 8.31
N SER A 341 3.84 41.23 9.29
CA SER A 341 3.61 40.82 10.67
C SER A 341 2.17 41.13 11.12
N TYR A 342 1.74 40.45 12.18
CA TYR A 342 0.44 40.74 12.71
C TYR A 342 0.46 42.22 13.14
N ARG A 343 1.59 42.66 13.70
CA ARG A 343 1.72 44.05 14.16
C ARG A 343 1.38 45.06 13.04
N GLN A 344 1.99 44.84 11.89
CA GLN A 344 1.76 45.67 10.70
C GLN A 344 0.33 45.50 10.16
N LEU A 345 -0.17 44.26 10.12
CA LEU A 345 -1.53 44.02 9.62
C LEU A 345 -2.57 44.72 10.49
N GLU A 346 -2.37 44.67 11.80
CA GLU A 346 -3.32 45.33 12.70
C GLU A 346 -3.43 46.83 12.33
N GLN A 347 -2.29 47.46 12.13
CA GLN A 347 -2.26 48.88 11.75
C GLN A 347 -2.90 49.12 10.37
N MET A 348 -2.66 48.21 9.45
CA MET A 348 -3.26 48.35 8.11
C MET A 348 -4.80 48.32 8.21
N LEU A 349 -5.30 47.39 9.02
CA LEU A 349 -6.72 47.19 9.14
C LEU A 349 -7.46 48.37 9.71
N GLN A 350 -6.82 49.07 10.63
CA GLN A 350 -7.46 50.21 11.27
C GLN A 350 -7.11 51.55 10.61
N GLY A 351 -6.25 51.50 9.59
CA GLY A 351 -5.81 52.71 8.90
C GLY A 351 -6.61 53.16 7.68
N ASN A 352 -7.77 52.59 7.43
CA ASN A 352 -8.58 53.01 6.27
C ASN A 352 -7.77 52.95 4.97
N TYR A 353 -7.21 51.78 4.70
CA TYR A 353 -6.42 51.57 3.49
C TYR A 353 -7.26 50.76 2.50
N GLY A 354 -8.47 50.42 2.91
CA GLY A 354 -9.32 49.69 1.99
C GLY A 354 -9.47 48.19 2.21
N TYR A 355 -8.91 47.68 3.29
CA TYR A 355 -9.05 46.24 3.59
C TYR A 355 -10.33 46.00 4.38
N GLN A 356 -10.96 44.86 4.12
CA GLN A 356 -12.13 44.41 4.85
C GLN A 356 -11.69 43.12 5.58
N ARG A 357 -11.91 43.00 6.88
CA ARG A 357 -11.55 41.75 7.56
C ARG A 357 -12.76 40.85 7.45
N LEU A 358 -12.54 39.63 7.01
CA LEU A 358 -13.61 38.66 6.86
C LEU A 358 -13.25 37.42 7.65
N TRP A 359 -14.23 36.55 7.87
CA TRP A 359 -14.03 35.34 8.66
C TRP A 359 -14.58 34.08 7.98
N ASN A 360 -13.76 33.03 7.89
CA ASN A 360 -14.25 31.77 7.34
C ASN A 360 -14.57 30.92 8.56
N ASP A 361 -15.84 30.56 8.72
CA ASP A 361 -16.25 29.82 9.89
C ASP A 361 -16.06 28.31 9.80
N LYS A 362 -15.57 27.84 8.65
CA LYS A 362 -15.25 26.41 8.49
C LYS A 362 -13.76 26.27 8.91
N THR A 363 -12.90 27.09 8.33
CA THR A 363 -11.46 27.05 8.67
C THR A 363 -11.13 27.70 10.01
N LYS A 364 -12.06 28.51 10.52
CA LYS A 364 -11.92 29.26 11.78
C LYS A 364 -10.69 30.19 11.74
N THR A 365 -10.51 30.86 10.60
CA THR A 365 -9.42 31.82 10.43
C THR A 365 -9.92 33.08 9.70
N PRO A 366 -9.25 34.21 9.96
CA PRO A 366 -9.60 35.50 9.37
C PRO A 366 -8.80 35.74 8.08
N TYR A 367 -9.26 36.70 7.28
CA TYR A 367 -8.51 37.05 6.07
C TYR A 367 -8.90 38.46 5.70
N LEU A 368 -8.04 39.14 4.94
CA LEU A 368 -8.33 40.51 4.51
C LEU A 368 -8.55 40.46 3.02
N TYR A 369 -9.43 41.34 2.54
CA TYR A 369 -9.71 41.42 1.12
C TYR A 369 -9.70 42.91 0.79
N HIS A 370 -8.96 43.27 -0.25
CA HIS A 370 -8.87 44.67 -0.67
C HIS A 370 -9.57 44.64 -2.04
N ALA A 371 -10.84 45.05 -2.06
CA ALA A 371 -11.62 45.04 -3.29
C ALA A 371 -11.10 46.03 -4.36
N GLN A 372 -10.64 47.19 -3.95
CA GLN A 372 -10.16 48.17 -4.93
C GLN A 372 -8.94 47.67 -5.71
N ASN A 373 -7.94 47.14 -5.00
CA ASN A 373 -6.71 46.70 -5.64
C ASN A 373 -6.60 45.20 -5.95
N GLY A 374 -7.56 44.40 -5.50
CA GLY A 374 -7.53 42.97 -5.75
C GLY A 374 -6.48 42.23 -4.91
N LEU A 375 -6.50 42.48 -3.60
CA LEU A 375 -5.54 41.82 -2.70
C LEU A 375 -6.22 40.88 -1.69
N PHE A 376 -5.50 39.81 -1.29
CA PHE A 376 -6.02 38.86 -0.30
C PHE A 376 -4.88 38.62 0.67
N VAL A 377 -5.20 38.59 1.95
CA VAL A 377 -4.17 38.31 2.97
C VAL A 377 -4.72 37.22 3.90
N THR A 378 -3.93 36.15 4.11
CA THR A 378 -4.37 35.10 5.02
C THR A 378 -3.48 35.25 6.26
N TYR A 379 -4.08 35.26 7.45
CA TYR A 379 -3.30 35.45 8.68
C TYR A 379 -4.08 34.89 9.83
N ASP A 380 -3.50 34.94 11.02
CA ASP A 380 -4.14 34.45 12.24
C ASP A 380 -4.26 35.59 13.26
N ASP A 381 -5.24 35.48 14.15
CA ASP A 381 -5.38 36.52 15.18
C ASP A 381 -5.89 35.95 16.51
N ALA A 382 -6.20 36.80 17.47
CA ALA A 382 -6.65 36.27 18.77
C ALA A 382 -7.91 35.43 18.66
N GLU A 383 -8.73 35.68 17.63
CA GLU A 383 -9.96 34.89 17.49
C GLU A 383 -9.65 33.51 16.93
N SER A 384 -8.83 33.42 15.89
CA SER A 384 -8.53 32.08 15.38
C SER A 384 -7.80 31.30 16.46
N PHE A 385 -7.03 32.00 17.28
CA PHE A 385 -6.32 31.32 18.35
C PHE A 385 -7.25 30.73 19.43
N LYS A 386 -8.49 31.19 19.55
CA LYS A 386 -9.38 30.56 20.52
C LYS A 386 -9.66 29.11 20.09
N TYR A 387 -9.92 28.91 18.78
CA TYR A 387 -10.21 27.56 18.29
C TYR A 387 -8.98 26.67 18.34
N LYS A 388 -7.85 27.23 17.94
CA LYS A 388 -6.60 26.44 17.99
C LYS A 388 -6.24 26.04 19.43
N ALA A 389 -6.45 26.94 20.39
CA ALA A 389 -6.13 26.61 21.79
C ALA A 389 -7.11 25.56 22.33
N LYS A 390 -8.38 25.67 21.94
CA LYS A 390 -9.37 24.66 22.42
C LYS A 390 -9.00 23.30 21.80
N TYR A 391 -8.60 23.30 20.53
CA TYR A 391 -8.19 22.08 19.84
C TYR A 391 -7.00 21.46 20.57
N ILE A 392 -6.02 22.29 20.91
CA ILE A 392 -4.83 21.82 21.61
C ILE A 392 -5.26 21.14 22.93
N LYS A 393 -6.26 21.70 23.58
CA LYS A 393 -6.70 21.15 24.84
C LYS A 393 -7.47 19.86 24.62
N GLN A 394 -8.41 19.90 23.67
CA GLN A 394 -9.25 18.72 23.38
C GLN A 394 -8.43 17.52 22.92
N GLN A 395 -7.42 17.78 22.09
CA GLN A 395 -6.56 16.74 21.55
C GLN A 395 -5.39 16.38 22.46
N GLN A 396 -5.31 17.00 23.64
CA GLN A 396 -4.27 16.72 24.62
C GLN A 396 -2.86 16.85 24.02
N LEU A 397 -2.68 17.96 23.28
CA LEU A 397 -1.40 18.22 22.66
C LEU A 397 -0.50 18.88 23.70
N GLY A 398 0.81 18.93 23.40
CA GLY A 398 1.76 19.53 24.32
C GLY A 398 1.68 21.04 24.51
N GLY A 399 1.21 21.74 23.48
CA GLY A 399 1.12 23.20 23.57
C GLY A 399 1.12 23.82 22.18
N VAL A 400 1.58 25.06 22.12
CA VAL A 400 1.61 25.84 20.90
C VAL A 400 3.01 26.40 20.69
N MET A 401 3.38 26.61 19.43
CA MET A 401 4.67 27.23 19.09
C MET A 401 4.31 28.33 18.09
N PHE A 402 5.11 29.39 18.02
CA PHE A 402 4.79 30.41 17.03
C PHE A 402 6.04 31.09 16.47
N TRP A 403 5.90 31.50 15.23
CA TRP A 403 6.95 32.24 14.51
C TRP A 403 6.30 33.58 14.16
N HIS A 404 6.85 34.72 14.62
CA HIS A 404 7.88 34.77 15.67
C HIS A 404 7.54 35.96 16.59
N LEU A 405 8.15 35.98 17.78
CA LEU A 405 7.89 37.03 18.80
C LEU A 405 7.88 38.45 18.30
N GLY A 406 8.83 38.73 17.40
CA GLY A 406 8.97 40.08 16.87
C GLY A 406 7.86 40.56 16.00
N GLN A 407 6.91 39.68 15.69
CA GLN A 407 5.79 40.06 14.85
C GLN A 407 4.50 40.31 15.62
N ASP A 408 4.53 40.08 16.93
CA ASP A 408 3.33 40.32 17.75
C ASP A 408 3.21 41.85 17.82
N ASN A 409 2.05 42.38 18.23
CA ASN A 409 1.98 43.86 18.34
C ASN A 409 2.72 44.33 19.58
N ARG A 410 2.88 45.66 19.78
CA ARG A 410 3.66 46.11 20.91
C ARG A 410 3.06 45.72 22.24
N ASN A 411 1.75 45.56 22.32
CA ASN A 411 1.15 45.13 23.58
C ASN A 411 1.28 43.60 23.84
N GLY A 412 1.81 42.88 22.87
CA GLY A 412 1.94 41.43 23.01
C GLY A 412 0.58 40.72 23.05
N ASP A 413 -0.41 41.23 22.32
CA ASP A 413 -1.74 40.62 22.34
C ASP A 413 -1.89 39.16 21.89
N LEU A 414 -1.12 38.74 20.88
CA LEU A 414 -1.26 37.35 20.41
C LEU A 414 -0.69 36.42 21.48
N LEU A 415 0.46 36.77 22.03
CA LEU A 415 1.02 35.93 23.10
C LEU A 415 0.10 35.92 24.32
N ALA A 416 -0.43 37.09 24.67
CA ALA A 416 -1.32 37.15 25.85
C ALA A 416 -2.58 36.31 25.62
N ALA A 417 -3.07 36.31 24.38
CA ALA A 417 -4.28 35.53 24.08
C ALA A 417 -3.99 34.04 24.28
N LEU A 418 -2.90 33.55 23.71
CA LEU A 418 -2.55 32.12 23.87
C LEU A 418 -2.43 31.79 25.37
N ASP A 419 -1.76 32.66 26.11
CA ASP A 419 -1.62 32.38 27.55
C ASP A 419 -2.98 32.37 28.28
N ARG A 420 -3.85 33.32 27.91
CA ARG A 420 -5.19 33.42 28.51
C ARG A 420 -5.98 32.12 28.27
N TYR A 421 -5.99 31.67 27.01
CA TYR A 421 -6.76 30.47 26.64
C TYR A 421 -6.38 29.21 27.37
N PHE A 422 -5.12 29.12 27.74
CA PHE A 422 -4.65 27.96 28.49
C PHE A 422 -4.70 28.14 29.99
N ASN A 423 -4.46 29.35 30.46
CA ASN A 423 -4.30 29.55 31.89
C ASN A 423 -5.17 30.51 32.68
N ALA A 424 -5.92 31.38 32.02
CA ALA A 424 -6.73 32.34 32.77
C ALA A 424 -7.91 31.67 33.46
N ALA A 425 -8.04 31.90 34.76
CA ALA A 425 -9.12 31.28 35.53
C ALA A 425 -10.47 31.87 35.13
N ASP A 426 -10.46 33.09 34.56
CA ASP A 426 -11.72 33.71 34.17
C ASP A 426 -12.07 33.62 32.69
N TYR A 427 -11.34 32.78 31.93
CA TYR A 427 -11.60 32.52 30.50
C TYR A 427 -12.33 31.17 30.43
N ASP A 428 -13.46 31.14 29.72
CA ASP A 428 -14.28 29.92 29.63
C ASP A 428 -14.65 29.62 28.18
N ASP A 429 -14.05 28.57 27.60
CA ASP A 429 -14.37 28.25 26.21
C ASP A 429 -15.28 27.02 26.08
N SER A 430 -15.96 26.67 27.16
CA SER A 430 -16.88 25.52 27.15
C SER A 430 -17.96 25.65 26.05
N GLN A 431 -18.37 26.87 25.72
CA GLN A 431 -19.42 27.07 24.69
C GLN A 431 -18.83 27.32 23.30
N LEU A 432 -17.51 27.41 23.19
CA LEU A 432 -16.88 27.67 21.90
C LEU A 432 -17.19 26.55 20.90
N ASP A 433 -17.91 26.89 19.84
CA ASP A 433 -18.27 25.84 18.87
C ASP A 433 -17.19 25.62 17.81
N MET A 434 -16.71 24.37 17.72
CA MET A 434 -15.62 24.08 16.78
C MET A 434 -16.03 24.02 15.29
N GLY A 435 -17.34 24.08 15.04
CA GLY A 435 -17.81 24.14 13.65
C GLY A 435 -17.94 22.85 12.89
N THR A 436 -18.32 23.00 11.62
CA THR A 436 -18.53 21.88 10.72
C THR A 436 -17.45 21.78 9.63
N GLY A 437 -16.35 22.51 9.80
CA GLY A 437 -15.24 22.42 8.84
C GLY A 437 -14.77 20.97 8.77
N LEU A 438 -14.19 20.58 7.63
CA LEU A 438 -13.76 19.20 7.42
C LEU A 438 -12.63 18.73 8.34
N ARG A 439 -12.86 17.62 9.03
CA ARG A 439 -11.86 17.02 9.90
C ARG A 439 -11.12 15.98 9.07
N TYR A 440 -9.85 15.74 9.38
CA TYR A 440 -9.07 14.70 8.68
C TYR A 440 -9.50 13.38 9.35
N THR A 441 -10.02 12.43 8.58
CA THR A 441 -10.55 11.19 9.16
C THR A 441 -9.73 9.91 8.99
N GLY A 442 -8.48 10.05 8.58
CA GLY A 442 -7.65 8.87 8.41
C GLY A 442 -7.50 8.06 9.70
N VAL A 443 -7.31 6.77 9.51
CA VAL A 443 -7.11 5.90 10.65
C VAL A 443 -5.85 5.11 10.37
N GLY A 444 -4.96 5.07 11.36
CA GLY A 444 -3.72 4.32 11.24
C GLY A 444 -3.49 3.46 12.48
N PRO A 445 -2.33 2.81 12.57
CA PRO A 445 -2.00 1.94 13.72
C PRO A 445 -2.05 2.67 15.04
N GLY A 446 -1.76 3.97 15.02
CA GLY A 446 -1.75 4.77 16.24
C GLY A 446 -3.08 5.33 16.74
N ASN A 447 -4.14 5.26 15.96
CA ASN A 447 -5.41 5.82 16.45
C ASN A 447 -6.61 4.92 16.13
N LEU A 448 -6.43 3.61 16.27
CA LEU A 448 -7.55 2.70 16.02
C LEU A 448 -8.64 2.98 17.05
N PRO A 449 -9.90 2.96 16.62
CA PRO A 449 -11.02 3.20 17.54
C PRO A 449 -11.16 1.99 18.47
N ILE A 450 -11.70 2.21 19.66
CA ILE A 450 -11.89 1.09 20.58
C ILE A 450 -13.10 0.32 20.09
N MET A 451 -13.00 -1.02 20.08
CA MET A 451 -14.12 -1.84 19.63
C MET A 451 -14.18 -3.15 20.43
N THR A 452 -15.26 -3.90 20.23
CA THR A 452 -15.41 -5.20 20.85
C THR A 452 -15.90 -6.13 19.72
N ALA A 453 -15.53 -7.41 19.79
CA ALA A 453 -15.94 -8.39 18.79
C ALA A 453 -15.70 -9.78 19.38
N PRO A 454 -16.46 -10.79 18.95
CA PRO A 454 -16.22 -12.12 19.50
C PRO A 454 -14.83 -12.62 19.10
N ALA A 455 -14.24 -13.44 19.99
CA ALA A 455 -12.91 -13.98 19.75
C ALA A 455 -12.94 -14.81 18.48
N TYR A 456 -11.87 -14.66 17.69
CA TYR A 456 -11.71 -15.44 16.46
C TYR A 456 -11.70 -16.91 16.87
N VAL A 457 -12.31 -17.77 16.05
CA VAL A 457 -12.33 -19.19 16.40
C VAL A 457 -11.68 -20.06 15.33
N PRO A 458 -10.51 -20.65 15.65
CA PRO A 458 -9.79 -21.51 14.70
C PRO A 458 -10.76 -22.57 14.15
N GLY A 459 -10.74 -22.79 12.84
CA GLY A 459 -11.61 -23.78 12.25
C GLY A 459 -12.88 -23.20 11.63
N THR A 460 -13.22 -21.98 12.04
CA THR A 460 -14.43 -21.29 11.59
C THR A 460 -14.19 -20.58 10.26
N THR A 461 -15.20 -20.58 9.38
CA THR A 461 -15.08 -19.90 8.08
C THR A 461 -15.86 -18.62 8.21
N TYR A 462 -15.28 -17.51 7.76
CA TYR A 462 -15.94 -16.21 7.90
C TYR A 462 -16.33 -15.51 6.61
N ALA A 463 -17.54 -14.94 6.59
CA ALA A 463 -18.01 -14.22 5.40
C ALA A 463 -17.37 -12.83 5.34
N GLN A 464 -17.61 -12.10 4.25
CA GLN A 464 -17.09 -10.76 4.07
C GLN A 464 -17.73 -9.81 5.09
N GLY A 465 -16.94 -8.94 5.71
CA GLY A 465 -17.53 -8.03 6.69
C GLY A 465 -17.50 -8.53 8.14
N ALA A 466 -17.22 -9.82 8.34
CA ALA A 466 -17.16 -10.39 9.69
C ALA A 466 -16.15 -9.68 10.58
N LEU A 467 -16.48 -9.52 11.86
CA LEU A 467 -15.62 -8.88 12.86
C LEU A 467 -15.24 -9.84 13.98
N VAL A 468 -13.97 -9.87 14.36
CA VAL A 468 -13.49 -10.76 15.42
C VAL A 468 -12.40 -10.12 16.26
N SER A 469 -12.20 -10.61 17.49
CA SER A 469 -11.09 -10.11 18.30
C SER A 469 -9.98 -11.16 18.20
N TYR A 470 -8.72 -10.71 18.24
CA TYR A 470 -7.61 -11.64 18.15
C TYR A 470 -6.35 -10.85 18.42
N GLN A 471 -5.50 -11.41 19.26
CA GLN A 471 -4.25 -10.77 19.61
C GLN A 471 -4.43 -9.33 20.14
N GLY A 472 -5.58 -9.06 20.76
CA GLY A 472 -5.81 -7.74 21.33
C GLY A 472 -6.36 -6.65 20.43
N TYR A 473 -6.68 -7.00 19.19
CA TYR A 473 -7.23 -6.06 18.23
C TYR A 473 -8.52 -6.62 17.64
N VAL A 474 -9.31 -5.77 16.99
CA VAL A 474 -10.55 -6.20 16.33
C VAL A 474 -10.30 -6.16 14.80
N TRP A 475 -10.68 -7.24 14.12
CA TRP A 475 -10.42 -7.41 12.68
C TRP A 475 -11.68 -7.59 11.82
N GLN A 476 -11.61 -7.18 10.55
CA GLN A 476 -12.74 -7.33 9.64
C GLN A 476 -12.28 -7.94 8.32
N THR A 477 -13.04 -8.90 7.78
CA THR A 477 -12.66 -9.51 6.49
C THR A 477 -12.91 -8.60 5.29
N LYS A 478 -11.98 -8.63 4.33
CA LYS A 478 -12.05 -7.83 3.10
C LYS A 478 -12.83 -8.51 1.98
N TRP A 479 -12.98 -9.84 2.09
CA TRP A 479 -13.73 -10.65 1.13
C TRP A 479 -14.28 -11.89 1.88
N GLY A 480 -15.00 -12.77 1.18
CA GLY A 480 -15.61 -13.94 1.82
C GLY A 480 -14.87 -15.28 1.83
N TYR A 481 -15.44 -16.23 2.57
CA TYR A 481 -14.91 -17.58 2.72
C TYR A 481 -13.54 -17.60 3.31
N ILE A 482 -13.36 -16.83 4.38
CA ILE A 482 -12.06 -16.76 5.03
C ILE A 482 -11.82 -17.95 5.96
N THR A 483 -10.70 -18.66 5.73
CA THR A 483 -10.41 -19.85 6.53
C THR A 483 -9.16 -19.91 7.43
N SER A 484 -8.39 -18.81 7.51
CA SER A 484 -7.25 -18.81 8.43
C SER A 484 -7.34 -17.56 9.29
N ALA A 485 -6.38 -17.38 10.20
CA ALA A 485 -6.46 -16.33 11.20
C ALA A 485 -5.93 -14.92 10.97
N PRO A 486 -6.49 -13.97 11.74
CA PRO A 486 -6.05 -12.58 11.63
C PRO A 486 -4.54 -12.58 11.87
N GLY A 487 -3.81 -11.83 11.05
CA GLY A 487 -2.36 -11.78 11.21
C GLY A 487 -1.67 -12.82 10.38
N SER A 488 -2.41 -13.86 10.00
CA SER A 488 -1.84 -14.92 9.18
C SER A 488 -2.58 -15.07 7.84
N ASP A 489 -3.66 -14.32 7.66
CA ASP A 489 -4.41 -14.37 6.41
C ASP A 489 -4.69 -12.92 6.01
N SER A 490 -4.19 -12.50 4.85
CA SER A 490 -4.36 -11.11 4.44
C SER A 490 -5.80 -10.68 4.16
N ALA A 491 -6.74 -11.60 4.30
CA ALA A 491 -8.13 -11.25 4.10
C ALA A 491 -8.63 -10.39 5.29
N TRP A 492 -7.90 -10.42 6.41
CA TRP A 492 -8.28 -9.69 7.63
C TRP A 492 -7.65 -8.32 7.76
N LEU A 493 -8.48 -7.32 8.01
CA LEU A 493 -8.00 -5.94 8.19
C LEU A 493 -8.16 -5.58 9.70
N LYS A 494 -7.12 -5.07 10.34
CA LYS A 494 -7.20 -4.68 11.76
C LYS A 494 -7.97 -3.36 11.74
N VAL A 495 -9.18 -3.34 12.31
CA VAL A 495 -9.97 -2.12 12.30
C VAL A 495 -10.18 -1.50 13.67
N GLY A 496 -9.91 -2.27 14.72
CA GLY A 496 -10.13 -1.76 16.05
C GLY A 496 -9.18 -2.29 17.11
N ARG A 497 -9.31 -1.71 18.30
CA ARG A 497 -8.50 -2.00 19.47
C ARG A 497 -9.47 -2.50 20.55
N VAL A 498 -9.12 -3.61 21.22
CA VAL A 498 -9.99 -4.14 22.26
C VAL A 498 -9.89 -3.24 23.49
N ALA A 499 -10.94 -2.75 23.97
N SER B 2 8.02 -23.64 -33.29
CA SER B 2 8.40 -23.38 -31.88
C SER B 2 8.23 -24.63 -31.00
N THR B 3 8.73 -24.58 -29.77
CA THR B 3 8.65 -25.72 -28.85
C THR B 3 7.21 -26.21 -28.72
N ARG B 4 7.06 -27.52 -28.62
CA ARG B 4 5.72 -28.11 -28.52
C ARG B 4 5.00 -27.63 -27.26
N LYS B 5 3.73 -27.29 -27.38
CA LYS B 5 2.96 -26.87 -26.21
C LYS B 5 2.62 -28.07 -25.35
N ALA B 6 2.74 -27.90 -24.05
CA ALA B 6 2.38 -28.99 -23.15
C ALA B 6 0.84 -29.20 -23.16
N VAL B 7 0.40 -30.45 -23.02
CA VAL B 7 -1.02 -30.76 -22.93
C VAL B 7 -1.02 -31.73 -21.75
N ILE B 8 -1.41 -31.17 -20.60
CA ILE B 8 -1.35 -31.85 -19.31
C ILE B 8 -2.74 -32.18 -18.82
N GLY B 9 -3.07 -33.46 -18.81
CA GLY B 9 -4.41 -33.83 -18.39
C GLY B 9 -4.37 -34.56 -17.06
N TYR B 10 -5.16 -34.08 -16.09
CA TYR B 10 -5.23 -34.78 -14.81
C TYR B 10 -6.05 -36.01 -15.03
N TYR B 11 -5.68 -37.10 -14.38
CA TYR B 11 -6.48 -38.31 -14.43
C TYR B 11 -6.81 -38.54 -12.96
N PHE B 12 -8.07 -38.34 -12.62
CA PHE B 12 -8.50 -38.51 -11.24
C PHE B 12 -9.36 -39.76 -11.07
N ILE B 13 -8.97 -40.58 -10.08
CA ILE B 13 -9.75 -41.77 -9.78
C ILE B 13 -9.81 -41.88 -8.27
N PRO B 14 -11.05 -41.89 -7.74
CA PRO B 14 -11.32 -41.98 -6.29
C PRO B 14 -10.79 -43.31 -5.76
N THR B 15 -10.42 -43.32 -4.48
CA THR B 15 -9.91 -44.53 -3.87
C THR B 15 -10.85 -45.74 -4.04
N ASN B 16 -12.15 -45.52 -3.90
CA ASN B 16 -13.07 -46.65 -4.00
C ASN B 16 -13.06 -47.23 -5.42
N GLN B 17 -12.80 -46.38 -6.41
CA GLN B 17 -12.72 -46.86 -7.80
C GLN B 17 -11.41 -47.61 -8.04
N ILE B 18 -10.33 -47.19 -7.38
CA ILE B 18 -9.10 -47.96 -7.55
C ILE B 18 -9.31 -49.33 -6.93
N ASN B 19 -9.90 -49.35 -5.74
CA ASN B 19 -10.11 -50.62 -5.01
C ASN B 19 -11.02 -51.61 -5.73
N ASN B 20 -11.91 -51.09 -6.56
CA ASN B 20 -12.84 -51.93 -7.31
C ASN B 20 -12.61 -51.71 -8.81
N TYR B 21 -11.36 -51.43 -9.18
CA TYR B 21 -11.09 -51.09 -10.57
C TYR B 21 -11.51 -52.17 -11.56
N THR B 22 -12.25 -51.74 -12.58
CA THR B 22 -12.69 -52.62 -13.66
C THR B 22 -12.81 -51.80 -14.94
N GLU B 23 -12.63 -52.45 -16.09
CA GLU B 23 -12.72 -51.74 -17.34
C GLU B 23 -13.92 -52.21 -18.14
N THR B 24 -14.80 -52.92 -17.46
CA THR B 24 -15.99 -53.46 -18.10
C THR B 24 -17.31 -53.10 -17.40
N ASP B 25 -17.29 -52.03 -16.61
CA ASP B 25 -18.50 -51.62 -15.93
C ASP B 25 -18.41 -50.16 -15.59
N THR B 26 -18.95 -49.32 -16.46
CA THR B 26 -18.88 -47.87 -16.22
C THR B 26 -19.70 -47.43 -15.01
N SER B 27 -20.56 -48.30 -14.46
CA SER B 27 -21.31 -47.90 -13.27
C SER B 27 -20.37 -47.94 -12.07
N VAL B 28 -19.26 -48.67 -12.19
CA VAL B 28 -18.27 -48.78 -11.13
C VAL B 28 -17.07 -47.85 -11.41
N VAL B 29 -16.53 -47.92 -12.62
CA VAL B 29 -15.41 -47.03 -13.01
C VAL B 29 -15.90 -46.41 -14.32
N PRO B 30 -16.42 -45.17 -14.25
CA PRO B 30 -16.93 -44.47 -15.45
C PRO B 30 -15.88 -44.21 -16.54
N PHE B 31 -14.64 -44.02 -16.15
CA PHE B 31 -13.60 -43.73 -17.13
C PHE B 31 -12.35 -44.54 -16.87
N PRO B 32 -12.33 -45.81 -17.31
CA PRO B 32 -11.13 -46.62 -17.08
C PRO B 32 -9.97 -46.17 -18.00
N VAL B 33 -8.76 -46.57 -17.68
CA VAL B 33 -7.61 -46.18 -18.49
C VAL B 33 -7.69 -46.70 -19.92
N SER B 34 -8.47 -47.78 -20.11
CA SER B 34 -8.64 -48.37 -21.44
C SER B 34 -9.31 -47.36 -22.37
N ASN B 35 -9.91 -46.30 -21.82
CA ASN B 35 -10.52 -45.30 -22.70
C ASN B 35 -9.44 -44.45 -23.37
N ILE B 36 -8.22 -44.50 -22.84
CA ILE B 36 -7.17 -43.74 -23.48
C ILE B 36 -6.45 -44.60 -24.50
N THR B 37 -6.74 -44.34 -25.76
CA THR B 37 -6.16 -45.10 -26.86
C THR B 37 -4.78 -44.57 -27.21
N PRO B 38 -4.08 -45.27 -28.12
CA PRO B 38 -2.75 -44.79 -28.52
C PRO B 38 -2.86 -43.38 -29.13
N ALA B 39 -3.94 -43.13 -29.84
CA ALA B 39 -4.16 -41.82 -30.45
C ALA B 39 -4.29 -40.74 -29.38
N LYS B 40 -5.03 -41.03 -28.31
CA LYS B 40 -5.17 -40.09 -27.22
C LYS B 40 -3.86 -39.92 -26.47
N ALA B 41 -3.10 -41.01 -26.31
CA ALA B 41 -1.83 -40.92 -25.59
C ALA B 41 -0.85 -39.98 -26.33
N LYS B 42 -0.93 -39.99 -27.65
CA LYS B 42 -0.06 -39.14 -28.47
C LYS B 42 -0.48 -37.68 -28.40
N GLN B 43 -1.74 -37.43 -28.06
CA GLN B 43 -2.27 -36.05 -27.92
C GLN B 43 -1.85 -35.39 -26.62
N LEU B 44 -1.39 -36.20 -25.67
CA LEU B 44 -0.96 -35.69 -24.37
C LEU B 44 0.55 -35.61 -24.25
N THR B 45 1.02 -34.67 -23.44
CA THR B 45 2.44 -34.64 -23.13
C THR B 45 2.58 -35.12 -21.66
N HIS B 46 1.56 -34.89 -20.85
CA HIS B 46 1.64 -35.32 -19.44
C HIS B 46 0.27 -35.77 -18.94
N ILE B 47 0.23 -36.80 -18.08
CA ILE B 47 -1.01 -37.16 -17.41
C ILE B 47 -0.66 -37.03 -15.93
N ASN B 48 -1.44 -36.27 -15.15
CA ASN B 48 -1.15 -36.10 -13.73
C ASN B 48 -2.09 -37.04 -12.98
N PHE B 49 -1.57 -38.20 -12.58
CA PHE B 49 -2.37 -39.13 -11.79
C PHE B 49 -2.75 -38.41 -10.47
N SER B 50 -4.02 -38.48 -10.07
CA SER B 50 -4.49 -37.78 -8.86
C SER B 50 -5.40 -38.66 -8.02
N PHE B 51 -5.24 -38.67 -6.69
CA PHE B 51 -4.22 -37.89 -5.95
C PHE B 51 -3.50 -38.77 -4.93
N LEU B 52 -2.24 -38.43 -4.66
CA LEU B 52 -1.54 -39.02 -3.51
C LEU B 52 -1.65 -37.92 -2.42
N ASP B 53 -1.16 -38.19 -1.21
CA ASP B 53 -1.32 -37.24 -0.11
C ASP B 53 -0.02 -37.19 0.68
N ILE B 54 -0.07 -36.45 1.79
CA ILE B 54 1.03 -36.41 2.73
C ILE B 54 0.43 -36.93 4.02
N ASN B 55 1.07 -37.93 4.61
CA ASN B 55 0.56 -38.54 5.85
C ASN B 55 1.07 -37.88 7.14
N SER B 56 0.63 -38.39 8.30
CA SER B 56 1.04 -37.81 9.59
C SER B 56 2.51 -38.03 9.87
N ASN B 57 3.15 -38.97 9.15
CA ASN B 57 4.59 -39.15 9.30
C ASN B 57 5.30 -38.10 8.39
N LEU B 58 4.52 -37.25 7.75
CA LEU B 58 5.05 -36.19 6.88
C LEU B 58 5.82 -36.68 5.66
N GLU B 59 5.28 -37.73 5.06
CA GLU B 59 5.86 -38.31 3.86
C GLU B 59 4.76 -38.46 2.83
N CYS B 60 5.14 -38.43 1.57
CA CYS B 60 4.19 -38.63 0.49
C CYS B 60 3.68 -40.07 0.65
N ALA B 61 2.37 -40.26 0.48
CA ALA B 61 1.82 -41.61 0.59
C ALA B 61 0.44 -41.70 -0.02
N TRP B 62 0.03 -42.92 -0.30
CA TRP B 62 -1.31 -43.13 -0.81
C TRP B 62 -2.25 -43.08 0.40
N ASP B 63 -3.52 -42.79 0.12
CA ASP B 63 -4.57 -42.84 1.14
C ASP B 63 -4.39 -44.29 1.64
N PRO B 64 -4.31 -44.48 2.97
CA PRO B 64 -4.13 -45.81 3.58
C PRO B 64 -5.23 -46.80 3.25
N ALA B 65 -6.41 -46.29 2.85
CA ALA B 65 -7.52 -47.19 2.48
C ALA B 65 -7.31 -47.82 1.08
N THR B 66 -6.29 -47.35 0.35
CA THR B 66 -6.04 -47.87 -0.98
C THR B 66 -5.49 -49.28 -1.01
N ASN B 67 -6.01 -50.10 -1.90
CA ASN B 67 -5.46 -51.45 -2.01
C ASN B 67 -4.20 -51.21 -2.86
N ASP B 68 -3.02 -51.49 -2.30
CA ASP B 68 -1.78 -51.20 -3.03
C ASP B 68 -1.64 -51.96 -4.35
N ALA B 69 -2.02 -53.23 -4.40
CA ALA B 69 -1.84 -53.92 -5.69
C ALA B 69 -2.74 -53.28 -6.76
N LYS B 70 -3.99 -52.96 -6.38
CA LYS B 70 -4.91 -52.33 -7.34
C LYS B 70 -4.37 -50.96 -7.81
N ALA B 71 -3.74 -50.22 -6.91
CA ALA B 71 -3.15 -48.93 -7.27
C ALA B 71 -2.03 -49.12 -8.29
N ARG B 72 -1.12 -50.06 -8.02
CA ARG B 72 -0.01 -50.33 -8.94
C ARG B 72 -0.57 -50.68 -10.32
N ASP B 73 -1.63 -51.49 -10.33
CA ASP B 73 -2.24 -51.90 -11.59
C ASP B 73 -2.82 -50.70 -12.39
N VAL B 74 -3.52 -49.79 -11.70
CA VAL B 74 -4.04 -48.62 -12.42
C VAL B 74 -2.88 -47.76 -12.95
N VAL B 75 -1.86 -47.56 -12.12
CA VAL B 75 -0.70 -46.76 -12.53
C VAL B 75 0.01 -47.43 -13.73
N ASN B 76 0.16 -48.77 -13.69
CA ASN B 76 0.79 -49.48 -14.79
C ASN B 76 0.06 -49.28 -16.13
N ARG B 77 -1.26 -49.22 -16.07
CA ARG B 77 -2.05 -49.01 -17.29
C ARG B 77 -1.72 -47.63 -17.87
N LEU B 78 -1.48 -46.65 -17.00
CA LEU B 78 -1.12 -45.32 -17.49
C LEU B 78 0.32 -45.32 -18.00
N THR B 79 1.25 -45.93 -17.25
CA THR B 79 2.64 -45.90 -17.75
C THR B 79 2.79 -46.73 -19.01
N ALA B 80 1.93 -47.74 -19.19
CA ALA B 80 1.98 -48.51 -20.45
C ALA B 80 1.73 -47.61 -21.67
N LEU B 81 1.03 -46.49 -21.46
CA LEU B 81 0.74 -45.58 -22.57
C LEU B 81 1.99 -44.95 -23.17
N LYS B 82 3.08 -44.91 -22.40
CA LYS B 82 4.33 -44.30 -22.90
C LYS B 82 4.86 -45.04 -24.11
N ALA B 83 4.42 -46.29 -24.28
CA ALA B 83 4.83 -47.10 -25.45
C ALA B 83 4.39 -46.40 -26.74
N HIS B 84 3.32 -45.62 -26.67
CA HIS B 84 2.78 -44.94 -27.85
C HIS B 84 3.25 -43.49 -28.02
N ASN B 85 3.98 -42.96 -27.05
CA ASN B 85 4.37 -41.57 -27.16
C ASN B 85 5.63 -41.39 -26.35
N PRO B 86 6.80 -41.36 -27.02
CA PRO B 86 8.06 -41.20 -26.28
C PRO B 86 8.26 -39.87 -25.52
N SER B 87 7.36 -38.90 -25.68
CA SER B 87 7.44 -37.64 -24.93
C SER B 87 6.51 -37.65 -23.71
N LEU B 88 5.64 -38.64 -23.62
CA LEU B 88 4.65 -38.68 -22.53
C LEU B 88 5.22 -38.96 -21.15
N ARG B 89 4.77 -38.19 -20.16
CA ARG B 89 5.15 -38.41 -18.80
C ARG B 89 3.90 -38.69 -17.96
N ILE B 90 3.98 -39.66 -17.05
CA ILE B 90 2.87 -39.91 -16.14
C ILE B 90 3.37 -39.35 -14.81
N MET B 91 2.90 -38.16 -14.47
CA MET B 91 3.26 -37.48 -13.23
C MET B 91 2.31 -37.94 -12.15
N PHE B 92 2.65 -37.73 -10.89
CA PHE B 92 1.65 -38.00 -9.87
C PHE B 92 1.48 -36.68 -9.10
N SER B 93 0.24 -36.38 -8.72
CA SER B 93 -0.10 -35.13 -8.01
C SER B 93 -0.40 -35.39 -6.55
N ILE B 94 0.25 -34.60 -5.70
CA ILE B 94 0.11 -34.73 -4.25
C ILE B 94 -0.77 -33.58 -3.80
N GLY B 95 -1.91 -33.91 -3.19
CA GLY B 95 -2.76 -32.84 -2.72
C GLY B 95 -4.16 -32.83 -3.28
N GLY B 96 -4.52 -31.71 -3.90
CA GLY B 96 -5.88 -31.56 -4.38
C GLY B 96 -6.68 -30.87 -3.26
N TRP B 97 -7.86 -30.35 -3.59
CA TRP B 97 -8.67 -29.64 -2.62
C TRP B 97 -9.05 -30.46 -1.39
N TYR B 98 -9.59 -31.64 -1.61
CA TYR B 98 -10.03 -32.47 -0.49
C TYR B 98 -8.96 -32.68 0.57
N TYR B 99 -7.77 -33.09 0.14
CA TYR B 99 -6.72 -33.35 1.14
C TYR B 99 -6.06 -32.13 1.74
N SER B 100 -5.79 -31.13 0.89
CA SER B 100 -4.98 -30.00 1.27
C SER B 100 -5.58 -28.64 1.56
N ASN B 101 -6.89 -28.47 1.41
CA ASN B 101 -7.46 -27.15 1.67
C ASN B 101 -7.30 -26.85 3.16
N ASP B 102 -7.40 -25.57 3.55
CA ASP B 102 -7.19 -25.17 4.96
C ASP B 102 -7.94 -26.04 5.96
N LEU B 103 -9.15 -26.46 5.59
CA LEU B 103 -9.93 -27.26 6.51
C LEU B 103 -9.95 -28.72 6.08
N GLY B 104 -9.01 -29.07 5.20
CA GLY B 104 -8.94 -30.43 4.64
C GLY B 104 -8.45 -31.49 5.61
N VAL B 105 -8.71 -32.77 5.29
CA VAL B 105 -8.34 -33.84 6.19
C VAL B 105 -6.84 -34.00 6.44
N SER B 106 -6.00 -33.54 5.51
CA SER B 106 -4.56 -33.68 5.72
C SER B 106 -3.78 -32.36 5.74
N HIS B 107 -4.47 -31.24 5.84
CA HIS B 107 -3.81 -29.93 5.76
C HIS B 107 -2.60 -29.80 6.69
N ALA B 108 -2.76 -30.24 7.94
CA ALA B 108 -1.65 -30.13 8.89
C ALA B 108 -0.40 -30.78 8.36
N ASN B 109 -0.55 -31.89 7.63
CA ASN B 109 0.63 -32.59 7.15
C ASN B 109 1.41 -31.78 6.11
N TYR B 110 0.70 -31.01 5.29
CA TYR B 110 1.42 -30.16 4.31
C TYR B 110 2.22 -29.05 5.05
N VAL B 111 1.56 -28.37 5.97
CA VAL B 111 2.19 -27.30 6.73
C VAL B 111 3.42 -27.81 7.50
N ASN B 112 3.27 -28.97 8.16
CA ASN B 112 4.38 -29.49 8.96
C ASN B 112 5.51 -30.09 8.16
N ALA B 113 5.18 -30.69 7.02
CA ALA B 113 6.18 -31.30 6.15
C ALA B 113 7.20 -30.26 5.60
N VAL B 114 6.75 -29.02 5.38
CA VAL B 114 7.67 -28.03 4.81
C VAL B 114 8.39 -27.14 5.82
N LYS B 115 8.20 -27.42 7.11
CA LYS B 115 8.76 -26.57 8.17
C LYS B 115 10.24 -26.39 8.33
N THR B 116 10.97 -27.50 8.32
CA THR B 116 12.42 -27.43 8.55
C THR B 116 13.28 -28.11 7.50
N PRO B 117 14.61 -27.88 7.57
CA PRO B 117 15.47 -28.54 6.58
C PRO B 117 15.28 -30.05 6.70
N ALA B 118 15.17 -30.55 7.94
CA ALA B 118 14.99 -32.01 8.12
C ALA B 118 13.65 -32.52 7.59
N SER B 119 12.54 -31.83 7.89
CA SER B 119 11.26 -32.30 7.40
C SER B 119 11.20 -32.19 5.88
N ARG B 120 11.75 -31.11 5.32
CA ARG B 120 11.73 -30.99 3.88
C ARG B 120 12.51 -32.09 3.21
N ALA B 121 13.67 -32.45 3.77
CA ALA B 121 14.48 -33.52 3.17
C ALA B 121 13.73 -34.86 3.23
N LYS B 122 13.14 -35.16 4.38
CA LYS B 122 12.41 -36.41 4.53
C LYS B 122 11.24 -36.44 3.58
N PHE B 123 10.55 -35.31 3.45
CA PHE B 123 9.40 -35.28 2.56
C PHE B 123 9.86 -35.39 1.11
N ALA B 124 10.89 -34.62 0.75
CA ALA B 124 11.36 -34.71 -0.65
C ALA B 124 11.85 -36.12 -0.98
N GLN B 125 12.59 -36.75 -0.08
CA GLN B 125 13.07 -38.11 -0.34
C GLN B 125 11.90 -39.04 -0.54
N SER B 126 10.84 -38.84 0.21
CA SER B 126 9.68 -39.71 0.05
C SER B 126 9.00 -39.53 -1.30
N CYS B 127 9.00 -38.30 -1.84
CA CYS B 127 8.36 -38.08 -3.14
C CYS B 127 9.14 -38.88 -4.20
N VAL B 128 10.47 -38.81 -4.13
CA VAL B 128 11.29 -39.54 -5.11
C VAL B 128 11.15 -41.04 -4.94
N ARG B 129 11.05 -41.49 -3.70
CA ARG B 129 10.89 -42.93 -3.45
C ARG B 129 9.55 -43.43 -4.06
N ILE B 130 8.47 -42.70 -3.78
CA ILE B 130 7.14 -43.05 -4.33
C ILE B 130 7.21 -43.02 -5.88
N MET B 131 7.81 -41.96 -6.45
CA MET B 131 7.91 -41.87 -7.92
C MET B 131 8.60 -43.10 -8.51
N LYS B 132 9.71 -43.51 -7.91
CA LYS B 132 10.41 -44.67 -8.46
C LYS B 132 9.72 -46.00 -8.18
N ASP B 133 9.13 -46.13 -6.99
CA ASP B 133 8.46 -47.37 -6.61
C ASP B 133 7.29 -47.68 -7.52
N TYR B 134 6.51 -46.67 -7.90
CA TYR B 134 5.33 -46.90 -8.71
C TYR B 134 5.50 -46.69 -10.21
N GLY B 135 6.63 -46.09 -10.60
CA GLY B 135 6.93 -45.87 -12.00
C GLY B 135 6.51 -44.55 -12.59
N PHE B 136 6.35 -43.52 -11.74
CA PHE B 136 5.95 -42.20 -12.25
C PHE B 136 7.16 -41.47 -12.84
N ASP B 137 6.89 -40.43 -13.60
CA ASP B 137 7.90 -39.64 -14.29
C ASP B 137 8.16 -38.24 -13.74
N GLY B 138 7.47 -37.88 -12.65
CA GLY B 138 7.68 -36.55 -12.10
C GLY B 138 6.67 -36.35 -10.99
N VAL B 139 6.77 -35.17 -10.39
CA VAL B 139 5.93 -34.82 -9.23
C VAL B 139 5.19 -33.51 -9.44
N ASP B 140 3.89 -33.50 -9.15
CA ASP B 140 3.07 -32.28 -9.25
C ASP B 140 2.59 -32.00 -7.81
N ILE B 141 2.95 -30.85 -7.26
CA ILE B 141 2.51 -30.51 -5.91
C ILE B 141 1.22 -29.71 -6.07
N ASN B 142 0.16 -30.15 -5.39
CA ASN B 142 -1.13 -29.52 -5.54
C ASN B 142 -1.73 -29.15 -4.15
N TRP B 143 -1.03 -28.28 -3.45
CA TRP B 143 -1.47 -27.77 -2.14
C TRP B 143 -2.33 -26.53 -2.42
N GLU B 144 -3.58 -26.58 -1.98
CA GLU B 144 -4.53 -25.50 -2.24
C GLU B 144 -4.97 -24.82 -0.94
N TYR B 145 -4.19 -23.91 -0.36
CA TYR B 145 -2.94 -23.38 -0.91
C TYR B 145 -2.09 -22.94 0.25
N PRO B 146 -0.78 -22.89 0.04
CA PRO B 146 0.03 -22.45 1.19
C PRO B 146 -0.19 -20.97 1.49
N GLN B 147 -0.22 -20.57 2.75
CA GLN B 147 -0.31 -19.14 2.84
C GLN B 147 0.85 -18.47 3.44
N ALA B 148 0.78 -17.15 3.38
CA ALA B 148 1.85 -16.27 3.76
C ALA B 148 2.99 -16.87 4.57
N ALA B 149 2.77 -17.18 5.83
CA ALA B 149 3.81 -17.71 6.69
C ALA B 149 4.45 -19.06 6.28
N GLU B 150 3.73 -19.83 5.49
CA GLU B 150 4.19 -21.15 5.06
C GLU B 150 4.94 -21.12 3.72
N VAL B 151 4.86 -19.99 3.03
CA VAL B 151 5.48 -19.93 1.70
C VAL B 151 6.98 -20.16 1.67
N ASP B 152 7.74 -19.61 2.62
CA ASP B 152 9.18 -19.85 2.54
C ASP B 152 9.48 -21.33 2.65
N GLY B 153 8.74 -22.03 3.51
CA GLY B 153 8.96 -23.47 3.64
C GLY B 153 8.62 -24.21 2.35
N PHE B 154 7.49 -23.82 1.78
CA PHE B 154 6.98 -24.41 0.54
C PHE B 154 8.04 -24.21 -0.56
N ILE B 155 8.59 -23.00 -0.64
CA ILE B 155 9.63 -22.73 -1.66
C ILE B 155 10.83 -23.64 -1.45
N ALA B 156 11.30 -23.74 -0.21
CA ALA B 156 12.46 -24.57 0.09
C ALA B 156 12.18 -26.03 -0.19
N ALA B 157 10.94 -26.45 0.03
CA ALA B 157 10.59 -27.84 -0.25
C ALA B 157 10.69 -28.14 -1.77
N LEU B 158 10.15 -27.22 -2.57
CA LEU B 158 10.19 -27.38 -4.03
C LEU B 158 11.66 -27.43 -4.48
N GLN B 159 12.48 -26.55 -3.91
CA GLN B 159 13.91 -26.53 -4.29
C GLN B 159 14.57 -27.85 -3.97
N GLU B 160 14.21 -28.43 -2.83
CA GLU B 160 14.81 -29.70 -2.42
C GLU B 160 14.34 -30.84 -3.32
N ILE B 161 13.05 -30.84 -3.64
CA ILE B 161 12.55 -31.87 -4.55
C ILE B 161 13.26 -31.76 -5.90
N ARG B 162 13.41 -30.53 -6.37
CA ARG B 162 14.10 -30.31 -7.65
C ARG B 162 15.55 -30.89 -7.56
N THR B 163 16.26 -30.58 -6.50
CA THR B 163 17.60 -31.11 -6.37
C THR B 163 17.63 -32.65 -6.44
N LEU B 164 16.73 -33.30 -5.70
CA LEU B 164 16.72 -34.77 -5.69
C LEU B 164 16.30 -35.40 -7.02
N LEU B 165 15.36 -34.75 -7.71
CA LEU B 165 14.91 -35.25 -9.00
C LEU B 165 16.02 -35.11 -10.02
N ASN B 166 16.74 -34.00 -9.98
CA ASN B 166 17.81 -33.84 -10.95
C ASN B 166 18.89 -34.86 -10.73
N GLN B 167 19.17 -35.20 -9.47
CA GLN B 167 20.19 -36.20 -9.25
C GLN B 167 19.66 -37.54 -9.73
N GLN B 168 18.37 -37.82 -9.49
CA GLN B 168 17.79 -39.08 -9.90
C GLN B 168 17.86 -39.25 -11.42
N THR B 169 17.64 -38.14 -12.14
CA THR B 169 17.70 -38.20 -13.60
C THR B 169 19.09 -38.71 -14.06
N ILE B 170 20.15 -38.15 -13.47
CA ILE B 170 21.52 -38.58 -13.85
C ILE B 170 21.74 -40.02 -13.39
N THR B 171 21.36 -40.32 -12.16
CA THR B 171 21.50 -41.68 -11.64
C THR B 171 20.83 -42.72 -12.53
N ASP B 172 19.62 -42.39 -13.01
CA ASP B 172 18.88 -43.33 -13.85
C ASP B 172 19.14 -43.22 -15.35
N GLY B 173 20.05 -42.31 -15.75
CA GLY B 173 20.35 -42.12 -17.17
C GLY B 173 19.12 -41.68 -17.94
N ARG B 174 18.34 -40.82 -17.31
CA ARG B 174 17.10 -40.31 -17.89
C ARG B 174 17.21 -38.92 -18.54
N GLN B 175 18.40 -38.58 -19.05
CA GLN B 175 18.57 -37.27 -19.68
C GLN B 175 17.64 -37.00 -20.85
N ALA B 176 17.22 -38.04 -21.56
CA ALA B 176 16.32 -37.89 -22.69
C ALA B 176 14.88 -37.55 -22.23
N LEU B 177 14.52 -37.92 -21.02
CA LEU B 177 13.16 -37.64 -20.52
C LEU B 177 13.36 -37.42 -19.01
N PRO B 178 13.97 -36.31 -18.64
CA PRO B 178 14.24 -36.02 -17.22
C PRO B 178 13.01 -35.94 -16.36
N TYR B 179 13.17 -36.33 -15.09
CA TYR B 179 12.06 -36.24 -14.13
C TYR B 179 11.70 -34.76 -13.98
N GLN B 180 10.42 -34.48 -13.82
CA GLN B 180 9.97 -33.09 -13.76
C GLN B 180 9.22 -32.79 -12.51
N LEU B 181 9.09 -31.50 -12.25
CA LEU B 181 8.40 -30.98 -11.07
C LEU B 181 7.47 -29.85 -11.48
N THR B 182 6.20 -29.97 -11.09
CA THR B 182 5.26 -28.90 -11.39
C THR B 182 4.40 -28.65 -10.16
N ILE B 183 3.60 -27.59 -10.22
CA ILE B 183 2.61 -27.38 -9.15
C ILE B 183 1.32 -26.92 -9.81
N ALA B 184 0.20 -27.08 -9.11
CA ALA B 184 -1.06 -26.57 -9.59
C ALA B 184 -1.14 -25.24 -8.83
N GLY B 185 -1.31 -24.16 -9.56
CA GLY B 185 -1.37 -22.85 -8.91
C GLY B 185 -2.77 -22.22 -8.95
N ALA B 186 -3.01 -21.30 -8.02
CA ALA B 186 -4.30 -20.56 -7.98
C ALA B 186 -4.53 -19.89 -9.35
N GLY B 187 -5.77 -19.91 -9.84
CA GLY B 187 -6.13 -19.25 -11.12
C GLY B 187 -7.03 -18.03 -10.88
N GLY B 188 -7.16 -17.62 -9.60
CA GLY B 188 -7.99 -16.45 -9.24
C GLY B 188 -7.25 -15.64 -8.17
N ALA B 189 -7.41 -14.30 -8.16
CA ALA B 189 -6.66 -13.43 -7.23
C ALA B 189 -6.82 -13.65 -5.74
N PHE B 190 -7.98 -14.12 -5.29
CA PHE B 190 -8.16 -14.31 -3.84
C PHE B 190 -7.16 -15.36 -3.32
N PHE B 191 -7.14 -16.54 -3.92
CA PHE B 191 -6.17 -17.53 -3.44
C PHE B 191 -4.74 -17.18 -3.83
N LEU B 192 -4.56 -16.60 -5.01
CA LEU B 192 -3.23 -16.24 -5.48
C LEU B 192 -2.53 -15.25 -4.52
N SER B 193 -3.31 -14.33 -3.93
CA SER B 193 -2.77 -13.35 -3.00
C SER B 193 -2.01 -13.97 -1.81
N ARG B 194 -2.26 -15.23 -1.52
CA ARG B 194 -1.58 -15.88 -0.41
C ARG B 194 -0.05 -15.96 -0.61
N TYR B 195 0.37 -16.20 -1.85
CA TYR B 195 1.80 -16.37 -2.13
C TYR B 195 2.35 -15.58 -3.31
N TYR B 196 1.52 -14.70 -3.87
CA TYR B 196 1.85 -13.92 -5.06
C TYR B 196 3.17 -13.17 -4.96
N SER B 197 3.45 -12.62 -3.78
CA SER B 197 4.67 -11.83 -3.62
C SER B 197 5.95 -12.63 -3.90
N LYS B 198 5.90 -13.95 -3.74
CA LYS B 198 7.08 -14.77 -3.90
C LYS B 198 6.96 -15.71 -5.11
N LEU B 199 6.18 -15.31 -6.09
CA LEU B 199 5.95 -16.16 -7.26
C LEU B 199 7.21 -16.55 -7.98
N ALA B 200 8.14 -15.61 -8.12
CA ALA B 200 9.39 -15.93 -8.82
C ALA B 200 10.16 -17.08 -8.16
N GLN B 201 10.23 -17.08 -6.83
CA GLN B 201 10.93 -18.12 -6.11
C GLN B 201 10.17 -19.42 -6.21
N ILE B 202 8.86 -19.33 -6.21
CA ILE B 202 8.04 -20.56 -6.35
C ILE B 202 8.16 -21.22 -7.73
N VAL B 203 8.25 -20.41 -8.76
CA VAL B 203 8.27 -20.96 -10.12
C VAL B 203 9.68 -21.40 -10.56
N ALA B 204 10.72 -20.85 -9.94
CA ALA B 204 12.08 -21.17 -10.37
C ALA B 204 12.43 -22.67 -10.45
N PRO B 205 12.05 -23.48 -9.44
CA PRO B 205 12.34 -24.95 -9.44
C PRO B 205 11.43 -25.78 -10.35
N LEU B 206 10.43 -25.14 -10.93
CA LEU B 206 9.43 -25.85 -11.71
C LEU B 206 9.63 -25.87 -13.21
N ASP B 207 9.17 -26.97 -13.83
CA ASP B 207 9.10 -27.04 -15.28
C ASP B 207 7.88 -26.21 -15.70
N TYR B 208 6.79 -26.29 -14.92
CA TYR B 208 5.56 -25.56 -15.20
C TYR B 208 4.77 -25.26 -13.95
N ILE B 209 4.02 -24.17 -14.02
CA ILE B 209 3.05 -23.83 -12.98
C ILE B 209 1.70 -23.96 -13.74
N ASN B 210 0.88 -24.91 -13.30
CA ASN B 210 -0.41 -25.17 -13.98
C ASN B 210 -1.49 -24.35 -13.30
N LEU B 211 -1.92 -23.28 -13.97
CA LEU B 211 -2.90 -22.40 -13.35
C LEU B 211 -4.31 -22.95 -13.38
N MET B 212 -4.98 -22.97 -12.23
CA MET B 212 -6.35 -23.49 -12.15
C MET B 212 -7.36 -22.39 -12.52
N THR B 213 -7.26 -21.98 -13.79
CA THR B 213 -8.11 -20.93 -14.34
C THR B 213 -9.51 -21.40 -14.74
N TYR B 214 -10.24 -21.79 -13.70
CA TYR B 214 -11.60 -22.24 -13.78
C TYR B 214 -12.16 -22.09 -12.38
N ASP B 215 -13.41 -22.49 -12.16
CA ASP B 215 -14.04 -22.26 -10.86
C ASP B 215 -14.02 -20.77 -10.50
N LEU B 216 -14.05 -19.91 -11.52
CA LEU B 216 -14.06 -18.48 -11.28
C LEU B 216 -15.49 -17.99 -11.07
N ALA B 217 -16.44 -18.93 -11.14
CA ALA B 217 -17.85 -18.66 -10.89
C ALA B 217 -18.42 -19.95 -10.33
N GLY B 218 -19.52 -19.85 -9.59
CA GLY B 218 -20.10 -21.05 -9.03
C GLY B 218 -21.23 -20.63 -8.12
N PRO B 219 -22.02 -21.61 -7.62
CA PRO B 219 -23.17 -21.39 -6.72
C PRO B 219 -22.80 -20.66 -5.43
N TRP B 220 -21.51 -20.68 -5.07
CA TRP B 220 -21.06 -19.98 -3.86
C TRP B 220 -20.97 -18.45 -4.07
N GLU B 221 -21.22 -18.01 -5.31
CA GLU B 221 -21.22 -16.57 -5.62
C GLU B 221 -22.68 -16.21 -5.91
N LYS B 222 -23.08 -14.98 -5.59
CA LYS B 222 -24.49 -14.61 -5.74
C LYS B 222 -24.99 -14.34 -7.14
N VAL B 223 -24.09 -14.05 -8.06
CA VAL B 223 -24.43 -13.75 -9.44
C VAL B 223 -23.91 -14.85 -10.38
N THR B 224 -24.78 -15.42 -11.22
CA THR B 224 -24.35 -16.45 -12.16
C THR B 224 -23.33 -15.80 -13.11
N ASN B 225 -22.36 -16.59 -13.57
CA ASN B 225 -21.31 -16.05 -14.45
C ASN B 225 -20.58 -17.23 -15.08
N HIS B 226 -19.73 -16.94 -16.04
CA HIS B 226 -18.88 -17.94 -16.69
C HIS B 226 -17.76 -18.29 -15.70
N GLN B 227 -17.46 -19.59 -15.52
CA GLN B 227 -16.42 -19.96 -14.56
C GLN B 227 -15.00 -19.90 -15.17
N ALA B 228 -14.92 -19.70 -16.48
CA ALA B 228 -13.62 -19.63 -17.14
C ALA B 228 -13.65 -18.69 -18.35
N ALA B 229 -14.18 -17.51 -18.14
CA ALA B 229 -14.23 -16.51 -19.22
C ALA B 229 -12.78 -16.21 -19.60
N LEU B 230 -12.47 -16.14 -20.90
CA LEU B 230 -11.11 -15.83 -21.33
C LEU B 230 -10.84 -14.36 -21.04
N PHE B 231 -11.76 -13.52 -21.54
CA PHE B 231 -11.70 -12.07 -21.36
C PHE B 231 -12.97 -11.60 -20.63
N GLY B 232 -12.96 -10.34 -20.18
CA GLY B 232 -14.09 -9.86 -19.42
C GLY B 232 -15.26 -9.31 -20.21
N ASP B 233 -16.43 -9.38 -19.60
CA ASP B 233 -17.67 -8.83 -20.16
C ASP B 233 -18.10 -7.71 -19.17
N ALA B 234 -18.14 -6.47 -19.62
CA ALA B 234 -18.49 -5.35 -18.73
C ALA B 234 -19.89 -5.53 -18.15
N ALA B 235 -20.70 -6.37 -18.77
CA ALA B 235 -22.02 -6.63 -18.29
C ALA B 235 -22.03 -7.64 -17.16
N GLY B 236 -20.92 -8.37 -17.00
CA GLY B 236 -20.86 -9.33 -15.92
C GLY B 236 -20.38 -8.79 -14.58
N PRO B 237 -20.34 -9.63 -13.53
CA PRO B 237 -19.88 -9.10 -12.25
C PRO B 237 -18.38 -8.80 -12.21
N THR B 238 -17.99 -7.97 -11.26
CA THR B 238 -16.59 -7.63 -11.09
C THR B 238 -16.22 -7.95 -9.66
N PHE B 239 -14.92 -8.07 -9.38
CA PHE B 239 -14.47 -8.47 -8.06
C PHE B 239 -13.39 -7.60 -7.47
N TYR B 240 -13.29 -7.67 -6.15
CA TYR B 240 -12.27 -6.99 -5.39
C TYR B 240 -10.92 -7.62 -5.82
N ASN B 241 -9.89 -6.80 -6.05
CA ASN B 241 -8.59 -7.36 -6.47
C ASN B 241 -7.72 -7.62 -5.23
N ALA B 242 -7.74 -8.86 -4.75
CA ALA B 242 -7.01 -9.22 -3.53
C ALA B 242 -5.51 -9.05 -3.61
N LEU B 243 -4.93 -9.02 -4.81
CA LEU B 243 -3.49 -8.88 -4.86
C LEU B 243 -3.02 -7.54 -4.23
N ARG B 244 -3.89 -6.52 -4.21
CA ARG B 244 -3.55 -5.21 -3.61
C ARG B 244 -3.17 -5.36 -2.14
N GLU B 245 -3.55 -6.50 -1.55
CA GLU B 245 -3.28 -6.76 -0.14
C GLU B 245 -2.09 -7.67 0.16
N ALA B 246 -1.44 -8.16 -0.89
CA ALA B 246 -0.23 -9.00 -0.74
C ALA B 246 0.93 -8.12 -0.17
N ASN B 247 1.80 -8.73 0.64
CA ASN B 247 2.93 -8.01 1.25
C ASN B 247 4.01 -7.78 0.21
N LEU B 248 3.82 -6.75 -0.61
CA LEU B 248 4.73 -6.45 -1.71
C LEU B 248 5.71 -5.30 -1.45
N GLY B 249 5.30 -4.36 -0.59
CA GLY B 249 6.15 -3.20 -0.29
C GLY B 249 6.03 -2.13 -1.37
N TRP B 250 4.95 -2.18 -2.14
CA TRP B 250 4.77 -1.20 -3.20
C TRP B 250 3.96 -0.02 -2.69
N SER B 251 4.08 1.12 -3.37
CA SER B 251 3.37 2.32 -2.93
C SER B 251 1.90 2.27 -3.34
N TRP B 252 1.11 3.23 -2.85
CA TRP B 252 -0.30 3.25 -3.22
C TRP B 252 -0.45 3.32 -4.76
N GLU B 253 0.32 4.19 -5.41
CA GLU B 253 0.19 4.30 -6.86
C GLU B 253 0.57 3.00 -7.56
N GLU B 254 1.62 2.37 -7.05
CA GLU B 254 2.12 1.13 -7.64
C GLU B 254 1.05 0.04 -7.52
N LEU B 255 0.50 -0.09 -6.33
CA LEU B 255 -0.53 -1.11 -6.11
C LEU B 255 -1.74 -0.86 -7.01
N THR B 256 -2.17 0.39 -7.10
CA THR B 256 -3.31 0.78 -7.91
C THR B 256 -3.11 0.52 -9.40
N ARG B 257 -1.91 0.83 -9.89
CA ARG B 257 -1.60 0.62 -11.30
C ARG B 257 -1.50 -0.87 -11.64
N ALA B 258 -1.02 -1.67 -10.69
CA ALA B 258 -0.84 -3.11 -10.94
C ALA B 258 -2.12 -3.89 -10.81
N PHE B 259 -2.95 -3.46 -9.86
CA PHE B 259 -4.16 -4.19 -9.49
C PHE B 259 -5.47 -3.42 -9.62
N PRO B 260 -5.93 -3.19 -10.86
CA PRO B 260 -7.20 -2.47 -10.99
C PRO B 260 -8.27 -3.21 -10.18
N SER B 261 -9.17 -2.43 -9.59
CA SER B 261 -10.19 -3.02 -8.73
C SER B 261 -11.41 -2.08 -8.70
N PRO B 262 -12.61 -2.63 -8.90
CA PRO B 262 -12.84 -4.06 -9.15
C PRO B 262 -12.41 -4.47 -10.55
N PHE B 263 -12.27 -5.76 -10.78
CA PHE B 263 -11.84 -6.20 -12.08
C PHE B 263 -12.60 -7.45 -12.51
N SER B 264 -12.45 -7.84 -13.78
CA SER B 264 -13.13 -9.05 -14.29
C SER B 264 -12.27 -10.29 -14.00
N LEU B 265 -12.84 -11.24 -13.26
CA LEU B 265 -12.13 -12.44 -12.87
C LEU B 265 -12.14 -13.40 -14.07
N THR B 266 -11.04 -13.39 -14.82
CA THR B 266 -10.94 -14.15 -16.06
C THR B 266 -9.64 -14.93 -16.15
N VAL B 267 -9.56 -15.76 -17.16
CA VAL B 267 -8.34 -16.53 -17.41
C VAL B 267 -7.21 -15.54 -17.77
N ASP B 268 -7.53 -14.61 -18.66
CA ASP B 268 -6.55 -13.59 -19.08
C ASP B 268 -6.05 -12.83 -17.84
N ALA B 269 -6.93 -12.52 -16.89
CA ALA B 269 -6.46 -11.79 -15.70
C ALA B 269 -5.42 -12.61 -14.91
N ALA B 270 -5.69 -13.90 -14.67
CA ALA B 270 -4.72 -14.72 -13.95
C ALA B 270 -3.38 -14.82 -14.69
N VAL B 271 -3.46 -15.00 -16.01
CA VAL B 271 -2.23 -15.14 -16.77
C VAL B 271 -1.41 -13.83 -16.68
N GLN B 272 -2.08 -12.71 -16.91
CA GLN B 272 -1.38 -11.40 -16.89
C GLN B 272 -0.85 -11.06 -15.47
N GLN B 273 -1.59 -11.45 -14.44
CA GLN B 273 -1.13 -11.20 -13.07
C GLN B 273 0.19 -11.95 -12.81
N HIS B 274 0.33 -13.13 -13.38
CA HIS B 274 1.58 -13.88 -13.23
C HIS B 274 2.70 -13.21 -14.01
N LEU B 275 2.38 -12.80 -15.26
CA LEU B 275 3.40 -12.16 -16.08
C LEU B 275 3.86 -10.77 -15.57
N MET B 276 3.05 -10.12 -14.75
CA MET B 276 3.38 -8.82 -14.18
C MET B 276 4.59 -8.98 -13.24
N MET B 277 4.77 -10.18 -12.68
CA MET B 277 5.85 -10.33 -11.72
C MET B 277 7.19 -10.60 -12.35
N GLU B 278 8.21 -9.92 -11.86
CA GLU B 278 9.53 -10.13 -12.42
C GLU B 278 9.99 -11.57 -12.16
N GLY B 279 10.66 -12.16 -13.13
CA GLY B 279 11.17 -13.50 -12.94
C GLY B 279 10.21 -14.67 -13.11
N VAL B 280 9.04 -14.42 -13.73
CA VAL B 280 8.07 -15.46 -13.98
C VAL B 280 7.99 -15.58 -15.51
N PRO B 281 8.68 -16.56 -16.10
CA PRO B 281 8.67 -16.70 -17.56
C PRO B 281 7.38 -17.26 -18.16
N SER B 282 6.93 -16.65 -19.26
CA SER B 282 5.69 -17.11 -19.88
C SER B 282 5.73 -18.58 -20.23
N ALA B 283 6.90 -19.06 -20.65
CA ALA B 283 7.00 -20.46 -21.04
C ALA B 283 6.71 -21.49 -19.97
N LYS B 284 6.70 -21.08 -18.70
CA LYS B 284 6.43 -22.00 -17.63
C LYS B 284 4.98 -21.95 -17.22
N ILE B 285 4.27 -20.93 -17.68
CA ILE B 285 2.87 -20.78 -17.33
C ILE B 285 1.98 -21.69 -18.19
N VAL B 286 1.17 -22.51 -17.53
CA VAL B 286 0.28 -23.40 -18.29
C VAL B 286 -1.14 -23.01 -17.93
N MET B 287 -1.98 -22.83 -18.95
CA MET B 287 -3.36 -22.41 -18.69
C MET B 287 -4.27 -23.59 -18.44
N GLY B 288 -4.95 -23.63 -17.29
CA GLY B 288 -5.86 -24.74 -17.07
C GLY B 288 -7.22 -24.43 -17.68
N VAL B 289 -7.93 -25.50 -18.09
CA VAL B 289 -9.27 -25.37 -18.63
C VAL B 289 -10.10 -26.50 -17.99
N PRO B 290 -11.41 -26.25 -17.82
CA PRO B 290 -12.27 -27.27 -17.22
C PRO B 290 -12.93 -28.20 -18.26
N PHE B 291 -12.98 -29.51 -17.95
CA PHE B 291 -13.68 -30.45 -18.83
C PHE B 291 -15.07 -30.73 -18.21
N TYR B 292 -15.51 -29.79 -17.37
CA TYR B 292 -16.81 -29.89 -16.70
C TYR B 292 -17.47 -28.51 -16.64
N GLY B 293 -18.79 -28.50 -16.42
CA GLY B 293 -19.51 -27.23 -16.30
C GLY B 293 -20.13 -27.11 -14.90
N ARG B 294 -20.58 -25.91 -14.52
CA ARG B 294 -21.21 -25.69 -13.21
C ARG B 294 -22.60 -25.17 -13.51
N ALA B 295 -23.58 -25.69 -12.76
CA ALA B 295 -24.97 -25.35 -13.01
C ALA B 295 -25.66 -24.64 -11.88
N PHE B 296 -26.61 -23.80 -12.26
CA PHE B 296 -27.39 -22.97 -11.31
C PHE B 296 -28.89 -23.10 -11.64
N LYS B 297 -29.74 -23.00 -10.61
CA LYS B 297 -31.19 -23.01 -10.84
C LYS B 297 -31.77 -21.68 -10.31
N GLY B 298 -33.04 -21.43 -10.63
CA GLY B 298 -33.70 -20.21 -10.16
C GLY B 298 -33.21 -18.95 -10.84
N VAL B 299 -32.71 -19.08 -12.07
CA VAL B 299 -32.19 -17.90 -12.76
C VAL B 299 -33.28 -17.23 -13.56
N SER B 300 -33.12 -15.93 -13.78
CA SER B 300 -34.10 -15.18 -14.54
C SER B 300 -33.73 -15.10 -16.00
N GLY B 301 -34.75 -14.86 -16.84
CA GLY B 301 -34.51 -14.73 -18.27
C GLY B 301 -34.06 -13.32 -18.63
N GLY B 302 -33.88 -13.08 -19.91
CA GLY B 302 -33.45 -11.76 -20.32
C GLY B 302 -32.03 -11.76 -20.87
N ASN B 303 -31.11 -12.47 -20.22
CA ASN B 303 -29.74 -12.50 -20.73
C ASN B 303 -29.23 -13.95 -20.79
N GLY B 304 -30.13 -14.87 -21.13
CA GLY B 304 -29.79 -16.29 -21.24
C GLY B 304 -29.37 -16.93 -19.93
N GLY B 305 -29.80 -16.33 -18.84
CA GLY B 305 -29.45 -16.85 -17.52
C GLY B 305 -28.17 -16.27 -16.97
N GLN B 306 -27.47 -15.46 -17.78
CA GLN B 306 -26.21 -14.82 -17.34
C GLN B 306 -26.41 -13.66 -16.38
N TYR B 307 -25.54 -13.57 -15.38
CA TYR B 307 -25.52 -12.45 -14.46
C TYR B 307 -26.84 -12.28 -13.74
N SER B 308 -27.39 -13.42 -13.36
CA SER B 308 -28.66 -13.45 -12.66
C SER B 308 -28.55 -13.91 -11.19
N SER B 309 -29.53 -13.55 -10.37
CA SER B 309 -29.57 -14.04 -9.00
C SER B 309 -30.02 -15.48 -9.23
N HIS B 310 -29.85 -16.37 -8.24
CA HIS B 310 -30.25 -17.76 -8.43
C HIS B 310 -30.59 -18.35 -7.08
N SER B 311 -31.11 -19.58 -7.05
CA SER B 311 -31.44 -20.19 -5.78
C SER B 311 -30.66 -21.49 -5.59
N THR B 312 -29.38 -21.46 -5.96
CA THR B 312 -28.53 -22.66 -5.85
C THR B 312 -27.74 -22.70 -4.55
N PRO B 313 -27.90 -23.78 -3.73
CA PRO B 313 -27.13 -23.83 -2.50
C PRO B 313 -25.65 -23.82 -2.91
N GLY B 314 -24.82 -23.11 -2.15
CA GLY B 314 -23.41 -23.05 -2.48
C GLY B 314 -22.52 -23.94 -1.66
N GLU B 315 -23.04 -24.58 -0.61
CA GLU B 315 -22.18 -25.41 0.22
C GLU B 315 -21.96 -26.85 -0.23
N ASP B 316 -20.97 -27.49 0.40
CA ASP B 316 -20.63 -28.88 0.13
C ASP B 316 -20.70 -29.67 1.43
N PRO B 317 -21.29 -30.88 1.37
CA PRO B 317 -21.85 -31.46 0.13
C PRO B 317 -23.21 -30.89 -0.24
N TYR B 318 -23.67 -31.19 -1.46
CA TYR B 318 -25.00 -30.74 -1.90
C TYR B 318 -25.93 -31.22 -0.79
N PRO B 319 -26.63 -30.28 -0.13
CA PRO B 319 -27.54 -30.54 0.99
C PRO B 319 -28.90 -31.17 0.79
N SER B 320 -29.30 -31.32 -0.46
CA SER B 320 -30.64 -31.82 -0.85
C SER B 320 -30.67 -33.18 -1.59
N THR B 321 -31.87 -33.73 -1.77
CA THR B 321 -32.03 -35.00 -2.51
C THR B 321 -32.68 -34.71 -3.85
N ASP B 322 -32.93 -33.44 -4.08
CA ASP B 322 -33.59 -32.91 -5.29
C ASP B 322 -32.57 -32.76 -6.44
N TYR B 323 -32.71 -33.56 -7.52
CA TYR B 323 -31.76 -33.42 -8.65
C TYR B 323 -32.46 -32.73 -9.80
N TRP B 324 -32.24 -31.41 -9.88
CA TRP B 324 -32.91 -30.53 -10.83
C TRP B 324 -32.23 -30.21 -12.14
N LEU B 325 -31.07 -30.79 -12.41
CA LEU B 325 -30.40 -30.48 -13.68
C LEU B 325 -30.95 -31.51 -14.66
N VAL B 326 -31.93 -31.09 -15.46
CA VAL B 326 -32.65 -32.00 -16.34
C VAL B 326 -31.75 -32.81 -17.25
N GLY B 327 -31.94 -34.14 -17.28
CA GLY B 327 -31.15 -34.97 -18.16
C GLY B 327 -29.78 -35.37 -17.62
N CYS B 328 -29.39 -34.83 -16.49
CA CYS B 328 -28.10 -35.17 -15.93
C CYS B 328 -28.11 -36.42 -15.06
N GLU B 329 -28.09 -37.60 -15.68
CA GLU B 329 -28.08 -38.84 -14.89
C GLU B 329 -26.79 -39.01 -14.09
N GLU B 330 -25.70 -38.41 -14.58
CA GLU B 330 -24.42 -38.44 -13.87
C GLU B 330 -24.58 -37.68 -12.51
N CYS B 331 -25.33 -36.58 -12.55
CA CYS B 331 -25.56 -35.79 -11.34
C CYS B 331 -26.29 -36.59 -10.29
N VAL B 332 -27.20 -37.45 -10.74
CA VAL B 332 -27.92 -38.29 -9.79
C VAL B 332 -26.97 -39.32 -9.18
N ARG B 333 -26.19 -40.01 -10.01
CA ARG B 333 -25.23 -40.99 -9.52
C ARG B 333 -24.23 -40.33 -8.52
N ASP B 334 -23.73 -39.15 -8.87
CA ASP B 334 -22.75 -38.46 -8.04
C ASP B 334 -23.33 -37.50 -6.96
N LYS B 335 -24.66 -37.52 -6.86
CA LYS B 335 -25.42 -36.73 -5.90
C LYS B 335 -25.18 -35.22 -5.84
N ASP B 336 -25.03 -34.60 -7.01
CA ASP B 336 -24.83 -33.15 -7.06
C ASP B 336 -25.27 -32.62 -8.43
N PRO B 337 -26.39 -31.89 -8.46
CA PRO B 337 -26.84 -31.36 -9.76
C PRO B 337 -26.12 -30.05 -10.16
N ARG B 338 -25.14 -29.62 -9.37
CA ARG B 338 -24.46 -28.33 -9.68
C ARG B 338 -23.20 -28.47 -10.53
N ILE B 339 -22.83 -29.68 -10.86
CA ILE B 339 -21.62 -29.87 -11.67
C ILE B 339 -21.85 -31.06 -12.62
N ALA B 340 -21.32 -30.98 -13.84
CA ALA B 340 -21.54 -32.08 -14.80
C ALA B 340 -20.36 -32.13 -15.77
N SER B 341 -19.89 -33.33 -16.08
CA SER B 341 -18.79 -33.47 -17.05
C SER B 341 -19.24 -32.96 -18.42
N TYR B 342 -18.27 -32.59 -19.26
CA TYR B 342 -18.61 -32.16 -20.62
C TYR B 342 -19.30 -33.36 -21.31
N ARG B 343 -18.83 -34.57 -21.02
CA ARG B 343 -19.42 -35.77 -21.64
C ARG B 343 -20.93 -35.77 -21.41
N GLN B 344 -21.34 -35.55 -20.17
CA GLN B 344 -22.76 -35.53 -19.81
C GLN B 344 -23.49 -34.32 -20.40
N LEU B 345 -22.86 -33.15 -20.35
CA LEU B 345 -23.49 -31.95 -20.88
C LEU B 345 -23.73 -32.10 -22.38
N GLU B 346 -22.81 -32.77 -23.08
CA GLU B 346 -22.97 -32.96 -24.50
C GLU B 346 -24.16 -33.86 -24.77
N GLN B 347 -24.30 -34.91 -23.96
CA GLN B 347 -25.44 -35.85 -24.11
C GLN B 347 -26.75 -35.09 -23.81
N MET B 348 -26.72 -34.21 -22.80
CA MET B 348 -27.90 -33.41 -22.50
C MET B 348 -28.28 -32.55 -23.70
N LEU B 349 -27.27 -31.96 -24.36
CA LEU B 349 -27.52 -31.13 -25.54
C LEU B 349 -28.08 -31.92 -26.73
N GLN B 350 -27.82 -33.23 -26.77
CA GLN B 350 -28.32 -34.08 -27.85
C GLN B 350 -29.58 -34.86 -27.43
N GLY B 351 -30.04 -34.63 -26.20
CA GLY B 351 -31.19 -35.35 -25.68
C GLY B 351 -32.52 -34.63 -25.76
N ASN B 352 -32.53 -33.50 -26.45
CA ASN B 352 -33.75 -32.71 -26.64
C ASN B 352 -34.48 -32.52 -25.30
N TYR B 353 -33.77 -31.92 -24.34
CA TYR B 353 -34.28 -31.67 -23.01
C TYR B 353 -34.71 -30.23 -22.76
N GLY B 354 -34.60 -29.36 -23.75
CA GLY B 354 -34.99 -27.97 -23.55
C GLY B 354 -33.85 -26.98 -23.37
N TYR B 355 -32.60 -27.43 -23.46
CA TYR B 355 -31.46 -26.50 -23.30
C TYR B 355 -31.14 -25.81 -24.59
N GLN B 356 -30.75 -24.55 -24.49
CA GLN B 356 -30.31 -23.81 -25.66
C GLN B 356 -28.79 -23.56 -25.45
N ARG B 357 -27.95 -23.88 -26.42
CA ARG B 357 -26.53 -23.56 -26.26
C ARG B 357 -26.34 -22.17 -26.78
N LEU B 358 -25.83 -21.28 -25.94
CA LEU B 358 -25.58 -19.89 -26.31
C LEU B 358 -24.07 -19.59 -26.23
N TRP B 359 -23.69 -18.46 -26.78
CA TRP B 359 -22.28 -18.06 -26.85
C TRP B 359 -22.08 -16.59 -26.47
N ASN B 360 -21.11 -16.33 -25.61
CA ASN B 360 -20.81 -14.95 -25.24
C ASN B 360 -19.54 -14.62 -26.03
N ASP B 361 -19.64 -13.65 -26.94
CA ASP B 361 -18.50 -13.33 -27.77
C ASP B 361 -17.47 -12.38 -27.16
N LYS B 362 -17.67 -11.95 -25.92
CA LYS B 362 -16.67 -11.14 -25.18
C LYS B 362 -15.78 -12.14 -24.40
N THR B 363 -16.44 -13.04 -23.66
CA THR B 363 -15.75 -14.02 -22.84
C THR B 363 -15.19 -15.18 -23.66
N LYS B 364 -15.77 -15.38 -24.85
CA LYS B 364 -15.41 -16.46 -25.77
C LYS B 364 -15.68 -17.81 -25.10
N THR B 365 -16.83 -17.89 -24.45
CA THR B 365 -17.20 -19.16 -23.82
C THR B 365 -18.68 -19.43 -24.05
N PRO B 366 -19.04 -20.72 -24.08
CA PRO B 366 -20.43 -21.10 -24.28
C PRO B 366 -21.16 -21.21 -22.93
N TYR B 367 -22.47 -21.33 -23.00
CA TYR B 367 -23.26 -21.54 -21.78
C TYR B 367 -24.61 -22.13 -22.19
N LEU B 368 -25.25 -22.85 -21.27
CA LEU B 368 -26.56 -23.45 -21.54
C LEU B 368 -27.59 -22.68 -20.76
N TYR B 369 -28.77 -22.54 -21.36
CA TYR B 369 -29.86 -21.87 -20.70
C TYR B 369 -31.09 -22.74 -20.92
N HIS B 370 -31.83 -23.03 -19.85
CA HIS B 370 -33.03 -23.85 -19.99
C HIS B 370 -34.13 -22.88 -19.57
N ALA B 371 -34.81 -22.33 -20.57
CA ALA B 371 -35.86 -21.35 -20.35
C ALA B 371 -37.02 -21.83 -19.49
N GLN B 372 -37.51 -23.03 -19.80
CA GLN B 372 -38.64 -23.57 -19.08
C GLN B 372 -38.39 -23.78 -17.59
N ASN B 373 -37.21 -24.30 -17.22
CA ASN B 373 -36.94 -24.55 -15.81
C ASN B 373 -36.07 -23.51 -15.10
N GLY B 374 -35.59 -22.51 -15.82
CA GLY B 374 -34.76 -21.47 -15.21
C GLY B 374 -33.38 -21.94 -14.78
N LEU B 375 -32.69 -22.63 -15.69
CA LEU B 375 -31.35 -23.16 -15.40
C LEU B 375 -30.30 -22.48 -16.28
N PHE B 376 -29.09 -22.38 -15.73
CA PHE B 376 -27.93 -21.80 -16.44
C PHE B 376 -26.72 -22.69 -16.16
N VAL B 377 -25.97 -23.02 -17.21
CA VAL B 377 -24.77 -23.85 -17.04
C VAL B 377 -23.59 -23.15 -17.71
N THR B 378 -22.47 -22.99 -17.00
CA THR B 378 -21.29 -22.41 -17.59
C THR B 378 -20.33 -23.58 -17.83
N TYR B 379 -19.77 -23.66 -19.03
CA TYR B 379 -18.87 -24.76 -19.32
C TYR B 379 -17.98 -24.33 -20.49
N ASP B 380 -17.05 -25.20 -20.88
CA ASP B 380 -16.14 -24.91 -22.00
C ASP B 380 -16.26 -26.00 -23.04
N ASP B 381 -15.94 -25.69 -24.29
CA ASP B 381 -16.04 -26.72 -25.31
C ASP B 381 -14.94 -26.53 -26.38
N ALA B 382 -15.04 -27.29 -27.48
CA ALA B 382 -14.03 -27.18 -28.53
C ALA B 382 -13.93 -25.79 -29.13
N GLU B 383 -15.04 -25.05 -29.08
CA GLU B 383 -15.02 -23.71 -29.61
C GLU B 383 -14.29 -22.73 -28.67
N SER B 384 -14.60 -22.74 -27.38
CA SER B 384 -13.87 -21.83 -26.49
C SER B 384 -12.39 -22.21 -26.48
N PHE B 385 -12.05 -23.50 -26.69
CA PHE B 385 -10.63 -23.88 -26.71
C PHE B 385 -9.90 -23.29 -27.94
N LYS B 386 -10.61 -22.94 -29.02
CA LYS B 386 -9.89 -22.32 -30.15
C LYS B 386 -9.29 -20.98 -29.67
N TYR B 387 -10.08 -20.21 -28.94
CA TYR B 387 -9.59 -18.92 -28.44
C TYR B 387 -8.51 -19.08 -27.38
N LYS B 388 -8.69 -20.04 -26.47
CA LYS B 388 -7.72 -20.28 -25.42
C LYS B 388 -6.43 -20.80 -26.02
N ALA B 389 -6.51 -21.64 -27.05
CA ALA B 389 -5.29 -22.15 -27.67
C ALA B 389 -4.56 -21.02 -28.41
N LYS B 390 -5.31 -20.15 -29.07
CA LYS B 390 -4.65 -19.02 -29.76
C LYS B 390 -3.99 -18.08 -28.72
N TYR B 391 -4.64 -17.90 -27.58
CA TYR B 391 -4.08 -17.04 -26.51
C TYR B 391 -2.75 -17.62 -26.00
N ILE B 392 -2.73 -18.94 -25.79
CA ILE B 392 -1.53 -19.65 -25.33
C ILE B 392 -0.39 -19.43 -26.36
N LYS B 393 -0.70 -19.48 -27.65
CA LYS B 393 0.34 -19.25 -28.64
C LYS B 393 0.81 -17.79 -28.62
N GLN B 394 -0.16 -16.86 -28.69
CA GLN B 394 0.12 -15.42 -28.71
C GLN B 394 0.88 -14.93 -27.49
N GLN B 395 0.53 -15.47 -26.32
CA GLN B 395 1.18 -15.09 -25.08
C GLN B 395 2.43 -15.93 -24.76
N GLN B 396 2.80 -16.82 -25.67
CA GLN B 396 3.95 -17.69 -25.51
C GLN B 396 3.93 -18.44 -24.18
N LEU B 397 2.75 -18.99 -23.87
CA LEU B 397 2.60 -19.79 -22.64
C LEU B 397 3.14 -21.19 -22.91
N GLY B 398 3.38 -21.95 -21.84
CA GLY B 398 3.97 -23.27 -22.00
C GLY B 398 2.99 -24.30 -22.55
N GLY B 399 1.71 -24.06 -22.35
CA GLY B 399 0.73 -25.01 -22.84
C GLY B 399 -0.60 -24.94 -22.10
N VAL B 400 -1.31 -26.06 -22.11
CA VAL B 400 -2.62 -26.15 -21.47
C VAL B 400 -2.69 -27.32 -20.49
N MET B 401 -3.49 -27.17 -19.44
CA MET B 401 -3.71 -28.25 -18.46
C MET B 401 -5.23 -28.40 -18.37
N PHE B 402 -5.73 -29.58 -18.06
CA PHE B 402 -7.17 -29.65 -17.89
C PHE B 402 -7.58 -30.61 -16.75
N TRP B 403 -8.70 -30.26 -16.14
CA TRP B 403 -9.30 -31.05 -15.08
C TRP B 403 -10.68 -31.45 -15.62
N HIS B 404 -10.95 -32.73 -15.85
CA HIS B 404 -9.96 -33.81 -15.87
C HIS B 404 -10.32 -34.79 -17.01
N LEU B 405 -9.35 -35.60 -17.37
CA LEU B 405 -9.50 -36.54 -18.47
C LEU B 405 -10.79 -37.34 -18.54
N GLY B 406 -11.21 -37.85 -17.38
CA GLY B 406 -12.40 -38.69 -17.32
C GLY B 406 -13.70 -37.97 -17.60
N GLN B 407 -13.62 -36.66 -17.82
CA GLN B 407 -14.81 -35.90 -18.08
C GLN B 407 -14.97 -35.56 -19.57
N ASP B 408 -13.98 -35.92 -20.38
CA ASP B 408 -14.06 -35.70 -21.85
C ASP B 408 -15.12 -36.70 -22.37
N ASN B 409 -15.64 -36.49 -23.57
CA ASN B 409 -16.61 -37.46 -24.09
C ASN B 409 -15.89 -38.76 -24.45
N ARG B 410 -16.64 -39.81 -24.78
CA ARG B 410 -16.02 -41.07 -25.07
C ARG B 410 -14.99 -41.06 -26.20
N ASN B 411 -15.20 -40.22 -27.19
CA ASN B 411 -14.28 -40.12 -28.33
C ASN B 411 -13.04 -39.24 -28.04
N GLY B 412 -13.06 -38.58 -26.88
CA GLY B 412 -11.94 -37.70 -26.50
C GLY B 412 -11.85 -36.44 -27.35
N ASP B 413 -13.00 -35.88 -27.69
CA ASP B 413 -13.03 -34.71 -28.54
C ASP B 413 -12.36 -33.45 -27.99
N LEU B 414 -12.49 -33.20 -26.69
CA LEU B 414 -11.85 -31.99 -26.15
C LEU B 414 -10.33 -32.08 -26.20
N LEU B 415 -9.79 -33.22 -25.77
CA LEU B 415 -8.35 -33.45 -25.84
C LEU B 415 -7.91 -33.37 -27.33
N ALA B 416 -8.65 -34.04 -28.22
CA ALA B 416 -8.30 -33.98 -29.63
C ALA B 416 -8.28 -32.55 -30.19
N ALA B 417 -9.24 -31.73 -29.75
CA ALA B 417 -9.31 -30.34 -30.19
C ALA B 417 -8.05 -29.56 -29.74
N LEU B 418 -7.66 -29.70 -28.47
CA LEU B 418 -6.50 -28.97 -27.99
C LEU B 418 -5.27 -29.39 -28.80
N ASP B 419 -5.11 -30.69 -28.99
CA ASP B 419 -3.95 -31.16 -29.77
C ASP B 419 -4.03 -30.62 -31.20
N ARG B 420 -5.23 -30.61 -31.75
CA ARG B 420 -5.40 -30.11 -33.12
C ARG B 420 -5.01 -28.63 -33.24
N TYR B 421 -5.49 -27.80 -32.31
CA TYR B 421 -5.21 -26.37 -32.39
C TYR B 421 -3.72 -26.05 -32.29
N PHE B 422 -2.97 -26.88 -31.57
CA PHE B 422 -1.52 -26.61 -31.46
C PHE B 422 -0.68 -27.24 -32.55
N ASN B 423 -1.11 -28.40 -33.02
CA ASN B 423 -0.29 -29.18 -33.92
C ASN B 423 -0.75 -29.58 -35.29
N ALA B 424 -2.05 -29.53 -35.56
CA ALA B 424 -2.54 -29.98 -36.87
C ALA B 424 -2.21 -29.06 -38.02
N ALA B 425 -1.67 -29.65 -39.08
CA ALA B 425 -1.33 -28.93 -40.28
C ALA B 425 -2.62 -28.43 -40.92
N ASP B 426 -3.74 -29.12 -40.73
CA ASP B 426 -4.93 -28.61 -41.40
C ASP B 426 -5.85 -27.71 -40.59
N TYR B 427 -5.31 -27.15 -39.51
CA TYR B 427 -6.05 -26.20 -38.68
C TYR B 427 -5.30 -24.89 -38.81
N ASP B 428 -6.03 -23.82 -39.13
CA ASP B 428 -5.45 -22.50 -39.35
C ASP B 428 -6.27 -21.47 -38.59
N ASP B 429 -5.72 -20.98 -37.48
CA ASP B 429 -6.39 -19.97 -36.69
C ASP B 429 -5.84 -18.54 -36.93
N SER B 430 -5.09 -18.35 -38.00
CA SER B 430 -4.52 -17.02 -38.28
C SER B 430 -5.57 -15.91 -38.37
N GLN B 431 -6.78 -16.23 -38.79
CA GLN B 431 -7.82 -15.21 -38.87
C GLN B 431 -8.80 -15.22 -37.70
N LEU B 432 -8.55 -16.05 -36.68
CA LEU B 432 -9.47 -16.11 -35.55
C LEU B 432 -9.45 -14.78 -34.79
N ASP B 433 -10.61 -14.14 -34.71
CA ASP B 433 -10.75 -12.84 -34.05
C ASP B 433 -10.93 -13.02 -32.56
N MET B 434 -10.01 -12.46 -31.77
CA MET B 434 -10.03 -12.63 -30.32
C MET B 434 -11.08 -11.76 -29.60
N GLY B 435 -11.78 -10.94 -30.37
CA GLY B 435 -12.82 -10.14 -29.76
C GLY B 435 -12.39 -8.89 -29.04
N THR B 436 -13.40 -8.21 -28.49
CA THR B 436 -13.17 -6.97 -27.79
C THR B 436 -13.47 -7.12 -26.32
N GLY B 437 -13.43 -8.35 -25.82
CA GLY B 437 -13.64 -8.56 -24.38
C GLY B 437 -12.58 -7.78 -23.58
N LEU B 438 -12.87 -7.50 -22.32
CA LEU B 438 -11.94 -6.71 -21.51
C LEU B 438 -10.65 -7.47 -21.18
N ARG B 439 -9.50 -6.85 -21.48
CA ARG B 439 -8.21 -7.44 -21.15
C ARG B 439 -7.78 -6.87 -19.80
N TYR B 440 -6.96 -7.62 -19.07
CA TYR B 440 -6.44 -7.15 -17.77
C TYR B 440 -5.27 -6.22 -18.15
N THR B 441 -5.29 -4.98 -17.67
CA THR B 441 -4.24 -4.03 -18.03
C THR B 441 -3.32 -3.52 -16.92
N GLY B 442 -3.22 -4.26 -15.82
CA GLY B 442 -2.33 -3.84 -14.76
C GLY B 442 -0.87 -3.84 -15.19
N VAL B 443 -0.10 -2.91 -14.62
CA VAL B 443 1.33 -2.83 -14.89
C VAL B 443 2.03 -2.84 -13.54
N GLY B 444 3.01 -3.73 -13.37
CA GLY B 444 3.73 -3.82 -12.10
C GLY B 444 5.12 -3.24 -12.17
N PRO B 445 5.73 -2.86 -11.01
CA PRO B 445 7.09 -2.31 -11.09
C PRO B 445 8.07 -3.34 -11.66
N GLY B 446 7.60 -4.57 -11.84
CA GLY B 446 8.47 -5.59 -12.45
C GLY B 446 8.08 -5.92 -13.89
N ASN B 447 7.40 -5.00 -14.58
CA ASN B 447 7.01 -5.20 -16.00
C ASN B 447 6.68 -3.85 -16.64
N LEU B 448 7.51 -2.87 -16.32
CA LEU B 448 7.31 -1.55 -16.87
C LEU B 448 7.67 -1.48 -18.32
N PRO B 449 6.99 -0.61 -19.07
CA PRO B 449 7.31 -0.48 -20.50
C PRO B 449 8.57 0.34 -20.63
N ILE B 450 9.22 0.23 -21.77
CA ILE B 450 10.41 1.02 -22.04
C ILE B 450 9.88 2.43 -22.19
N MET B 451 10.54 3.41 -21.60
CA MET B 451 10.13 4.80 -21.79
C MET B 451 11.38 5.63 -22.01
N THR B 452 11.18 6.86 -22.46
CA THR B 452 12.29 7.76 -22.75
C THR B 452 12.09 9.14 -22.12
N ALA B 453 13.11 9.62 -21.43
CA ALA B 453 13.03 10.91 -20.75
C ALA B 453 14.43 11.45 -20.47
N PRO B 454 14.56 12.78 -20.37
CA PRO B 454 15.82 13.49 -20.10
C PRO B 454 16.38 13.00 -18.76
N ALA B 455 17.71 12.89 -18.67
CA ALA B 455 18.31 12.44 -17.43
C ALA B 455 17.94 13.43 -16.33
N TYR B 456 17.80 12.92 -15.11
CA TYR B 456 17.49 13.77 -13.96
C TYR B 456 18.71 14.72 -13.78
N VAL B 457 18.45 15.96 -13.38
CA VAL B 457 19.52 16.94 -13.14
C VAL B 457 19.53 17.40 -11.69
N PRO B 458 20.56 17.03 -10.92
CA PRO B 458 20.57 17.47 -9.51
C PRO B 458 20.55 19.00 -9.41
N GLY B 459 19.85 19.52 -8.40
CA GLY B 459 19.75 20.97 -8.23
C GLY B 459 18.57 21.60 -8.95
N THR B 460 17.90 20.78 -9.76
CA THR B 460 16.74 21.24 -10.52
C THR B 460 15.45 21.05 -9.72
N THR B 461 14.49 21.97 -9.84
CA THR B 461 13.22 21.79 -9.14
C THR B 461 12.22 21.36 -10.20
N TYR B 462 11.56 20.22 -9.98
CA TYR B 462 10.61 19.69 -10.95
C TYR B 462 9.15 19.94 -10.60
N ALA B 463 8.34 20.17 -11.63
CA ALA B 463 6.90 20.40 -11.45
C ALA B 463 6.19 19.06 -11.46
N GLN B 464 4.93 19.07 -11.07
CA GLN B 464 4.14 17.85 -11.07
C GLN B 464 4.03 17.23 -12.47
N GLY B 465 4.14 15.92 -12.55
CA GLY B 465 4.02 15.25 -13.85
C GLY B 465 5.29 15.17 -14.67
N ALA B 466 6.36 15.81 -14.18
CA ALA B 466 7.63 15.80 -14.89
C ALA B 466 8.17 14.39 -14.95
N LEU B 467 8.85 14.05 -16.04
CA LEU B 467 9.43 12.71 -16.27
C LEU B 467 10.96 12.84 -16.44
N VAL B 468 11.72 11.95 -15.78
CA VAL B 468 13.17 11.96 -15.89
C VAL B 468 13.64 10.53 -15.90
N SER B 469 14.87 10.32 -16.41
CA SER B 469 15.45 9.00 -16.39
C SER B 469 16.55 9.02 -15.31
N TYR B 470 16.65 7.96 -14.53
CA TYR B 470 17.64 7.95 -13.47
C TYR B 470 17.81 6.52 -12.97
N GLN B 471 19.06 6.08 -12.92
CA GLN B 471 19.42 4.74 -12.44
C GLN B 471 18.61 3.59 -13.05
N GLY B 472 18.44 3.63 -14.38
CA GLY B 472 17.75 2.54 -15.06
C GLY B 472 16.26 2.64 -15.26
N TYR B 473 15.64 3.65 -14.67
CA TYR B 473 14.18 3.81 -14.80
C TYR B 473 13.79 5.22 -15.15
N VAL B 474 12.55 5.34 -15.66
CA VAL B 474 11.94 6.61 -15.97
C VAL B 474 10.98 6.81 -14.78
N TRP B 475 11.03 8.01 -14.22
CA TRP B 475 10.28 8.36 -13.02
C TRP B 475 9.43 9.57 -13.25
N GLN B 476 8.26 9.60 -12.62
CA GLN B 476 7.36 10.74 -12.77
C GLN B 476 7.04 11.35 -11.39
N THR B 477 6.98 12.68 -11.32
CA THR B 477 6.68 13.33 -10.03
C THR B 477 5.19 13.30 -9.79
N LYS B 478 4.80 13.12 -8.52
CA LYS B 478 3.39 13.09 -8.14
C LYS B 478 2.87 14.42 -7.60
N TRP B 479 3.77 15.39 -7.41
CA TRP B 479 3.39 16.75 -7.01
C TRP B 479 4.54 17.67 -7.43
N GLY B 480 4.44 18.97 -7.12
CA GLY B 480 5.45 19.92 -7.57
C GLY B 480 6.53 20.36 -6.59
N TYR B 481 7.37 21.28 -7.06
CA TYR B 481 8.52 21.79 -6.29
C TYR B 481 9.37 20.64 -5.75
N ILE B 482 9.60 19.65 -6.60
CA ILE B 482 10.40 18.49 -6.21
C ILE B 482 11.87 18.83 -6.34
N THR B 483 12.58 18.80 -5.22
CA THR B 483 14.00 19.13 -5.21
C THR B 483 14.86 17.94 -4.85
N SER B 484 14.22 16.80 -4.60
CA SER B 484 14.89 15.55 -4.25
C SER B 484 15.10 14.63 -5.47
N ALA B 485 16.06 13.71 -5.39
CA ALA B 485 16.33 12.79 -6.52
C ALA B 485 15.37 11.59 -6.52
N PRO B 486 15.19 10.93 -7.68
CA PRO B 486 14.31 9.76 -7.81
C PRO B 486 14.94 8.59 -7.06
N GLY B 487 14.11 7.70 -6.53
CA GLY B 487 14.62 6.54 -5.81
C GLY B 487 14.30 6.66 -4.32
N SER B 488 13.46 5.76 -3.82
CA SER B 488 13.04 5.76 -2.41
C SER B 488 12.16 6.96 -2.01
N ASP B 489 12.58 8.18 -2.38
CA ASP B 489 11.82 9.39 -2.05
C ASP B 489 10.35 9.33 -2.55
N SER B 490 9.42 9.63 -1.64
CA SER B 490 8.00 9.56 -1.97
C SER B 490 7.50 10.32 -3.21
N ALA B 491 8.18 11.40 -3.57
CA ALA B 491 7.71 12.22 -4.69
C ALA B 491 7.79 11.58 -6.06
N TRP B 492 8.74 10.67 -6.27
CA TRP B 492 8.91 10.06 -7.61
C TRP B 492 8.29 8.68 -7.76
N LEU B 493 7.66 8.44 -8.90
CA LEU B 493 7.03 7.16 -9.14
C LEU B 493 7.72 6.47 -10.30
N LYS B 494 8.15 5.24 -10.10
CA LYS B 494 8.79 4.52 -11.20
C LYS B 494 7.67 4.21 -12.23
N VAL B 495 7.80 4.70 -13.48
CA VAL B 495 6.78 4.46 -14.49
C VAL B 495 7.24 3.69 -15.76
N GLY B 496 8.56 3.60 -15.97
CA GLY B 496 9.08 2.90 -17.14
C GLY B 496 10.54 2.52 -16.95
N ARG B 497 11.06 1.73 -17.88
CA ARG B 497 12.44 1.28 -17.87
C ARG B 497 13.22 2.00 -18.95
N VAL B 498 14.49 2.27 -18.67
CA VAL B 498 15.36 2.95 -19.63
C VAL B 498 15.98 1.87 -20.54
N ALA B 499 16.00 2.13 -21.85
CA ALA B 499 16.59 1.20 -22.80
C ALA B 499 18.11 1.12 -22.65
C1 GOL C . -10.38 16.17 5.03
O1 GOL C . -9.24 16.55 4.28
C2 GOL C . -11.04 14.98 4.35
O2 GOL C . -11.33 15.32 2.98
C3 GOL C . -10.07 13.78 4.41
O3 GOL C . -10.08 13.22 5.72
C1 GOL D . 3.58 20.64 -3.05
O1 GOL D . 4.98 20.97 -3.20
C2 GOL D . 2.76 21.35 -4.12
O2 GOL D . 3.18 20.87 -5.40
C3 GOL D . 1.26 21.05 -3.94
O3 GOL D . 0.51 21.83 -4.89
C1 GOL E . 2.56 24.72 1.22
O1 GOL E . 1.93 25.94 0.90
C2 GOL E . 1.96 23.60 0.38
O2 GOL E . 2.29 23.82 -1.02
C3 GOL E . 2.54 22.25 0.85
O3 GOL E . 3.97 22.24 0.81
C1 GOL F . 31.13 20.95 34.54
O1 GOL F . 30.90 19.55 34.74
C2 GOL F . 30.25 21.47 33.39
O2 GOL F . 30.49 22.87 33.21
C3 GOL F . 30.59 20.72 32.11
O3 GOL F . 30.28 19.34 32.25
C1 GOL G . 10.80 12.10 27.05
O1 GOL G . 10.59 11.19 25.97
C2 GOL G . 11.99 13.03 26.75
O2 GOL G . 12.16 13.95 27.83
C3 GOL G . 13.28 12.21 26.58
O3 GOL G . 13.20 11.34 25.45
C1 GOL H . 3.57 50.72 1.26
O1 GOL H . 3.69 49.93 0.07
C2 GOL H . 2.75 51.98 0.97
O2 GOL H . 1.42 51.62 0.58
C3 GOL H . 2.70 52.85 2.24
O3 GOL H . 2.16 52.07 3.32
C1 GOL I . 9.88 21.66 34.36
O1 GOL I . 10.08 20.37 34.93
C2 GOL I . 9.22 21.53 32.98
O2 GOL I . 8.93 22.84 32.46
C3 GOL I . 10.16 20.81 32.02
O3 GOL I . 10.45 19.50 32.49
C1 GOL J . -9.10 8.49 -1.68
O1 GOL J . -9.50 8.41 -0.33
C2 GOL J . -7.84 7.64 -1.92
O2 GOL J . -7.40 7.87 -3.28
C3 GOL J . -6.74 8.10 -0.94
O3 GOL J . -5.54 7.37 -1.12
C1 GOL K . 7.80 24.96 -2.12
O1 GOL K . 8.45 23.93 -1.37
C2 GOL K . 6.95 25.83 -1.17
O2 GOL K . 6.16 24.98 -0.35
C3 GOL K . 7.84 26.72 -0.28
O3 GOL K . 8.68 25.92 0.54
C1 GOL L . 9.58 29.53 3.38
O1 GOL L . 9.05 28.21 3.31
C2 GOL L . 9.46 30.08 4.81
O2 GOL L . 10.32 29.34 5.70
C3 GOL L . 9.87 31.54 4.84
O3 GOL L . 11.23 31.65 4.43
C1 GOL M . 10.63 28.09 -2.72
O1 GOL M . 9.61 28.31 -1.74
C2 GOL M . 9.99 27.91 -4.11
O2 GOL M . 8.94 26.94 -4.01
C3 GOL M . 9.41 29.24 -4.62
O3 GOL M . 8.39 29.70 -3.72
S SO4 N . -0.89 9.10 23.50
O1 SO4 N . 0.04 9.52 24.55
O2 SO4 N . -0.30 7.96 22.77
O3 SO4 N . -2.17 8.69 24.10
O4 SO4 N . -1.14 10.20 22.55
S SO4 O . 32.26 27.84 7.11
O1 SO4 O . 32.62 28.48 8.39
O2 SO4 O . 33.46 27.27 6.45
O3 SO4 O . 31.27 26.76 7.37
O4 SO4 O . 31.68 28.86 6.21
S SO4 P . -12.94 58.66 4.69
O1 SO4 P . -14.02 58.63 5.71
O2 SO4 P . -11.64 58.95 5.35
O3 SO4 P . -12.89 57.35 4.00
O4 SO4 P . -13.20 59.73 3.70
S SO4 Q . -6.78 38.56 31.17
O1 SO4 Q . -6.24 38.38 32.53
O2 SO4 Q . -6.97 37.23 30.55
O3 SO4 Q . -8.11 39.20 31.23
O4 SO4 Q . -5.85 39.38 30.37
S SO4 R . 5.88 49.93 15.64
O1 SO4 R . 5.07 49.52 16.79
O2 SO4 R . 7.13 50.58 16.10
O3 SO4 R . 6.23 48.73 14.83
O4 SO4 R . 5.11 50.87 14.82
C1 GOL S . -10.01 -3.66 -15.75
O1 GOL S . -11.32 -4.06 -16.20
C2 GOL S . -9.00 -4.76 -16.13
O2 GOL S . -7.66 -4.34 -15.85
C3 GOL S . -9.30 -6.04 -15.36
O3 GOL S . -10.62 -6.50 -15.66
C1 GOL T . -33.80 -35.50 -15.44
O1 GOL T . -34.62 -35.03 -14.41
C2 GOL T . -32.81 -36.59 -14.94
O2 GOL T . -32.17 -37.13 -16.08
C3 GOL T . -31.71 -36.04 -14.00
O3 GOL T . -32.22 -35.70 -12.70
C1 GOL U . 6.77 -32.75 -23.88
O1 GOL U . 6.84 -32.45 -22.48
C2 GOL U . 7.41 -31.62 -24.69
O2 GOL U . 7.36 -31.98 -26.07
C3 GOL U . 6.64 -30.30 -24.49
O3 GOL U . 7.33 -29.24 -25.18
C1 GOL V . -15.82 -14.03 -1.39
O1 GOL V . -16.50 -12.79 -1.20
C2 GOL V . -14.81 -13.88 -2.51
O2 GOL V . -13.91 -15.01 -2.47
C3 GOL V . -15.53 -13.81 -3.88
O3 GOL V . -16.60 -12.83 -3.87
C1 GOL W . -14.98 -17.26 -7.79
O1 GOL W . -15.37 -18.64 -7.79
C2 GOL W . -14.18 -16.92 -6.53
O2 GOL W . -14.97 -17.21 -5.37
C3 GOL W . -12.88 -17.74 -6.50
O3 GOL W . -12.06 -17.28 -5.40
C1 GOL X . 13.95 -25.76 -13.42
O1 GOL X . 14.79 -26.68 -12.75
C2 GOL X . 14.32 -25.71 -14.91
O2 GOL X . 13.82 -26.89 -15.57
C3 GOL X . 13.67 -24.48 -15.51
O3 GOL X . 14.09 -23.33 -14.75
C1 GOL Y . -10.12 -17.62 -0.48
O1 GOL Y . -11.55 -17.63 -0.42
C2 GOL Y . -9.61 -16.39 0.24
O2 GOL Y . -9.92 -16.53 1.64
C3 GOL Y . -8.11 -16.26 0.06
O3 GOL Y . -7.43 -17.26 0.81
C1 GOL Z . -12.56 -43.01 -13.98
O1 GOL Z . -13.80 -43.37 -13.43
C2 GOL Z . -12.19 -41.60 -13.55
O2 GOL Z . -10.95 -41.23 -14.17
C3 GOL Z . -13.28 -40.61 -13.98
O3 GOL Z . -14.49 -40.84 -13.25
C1 GOL AA . 7.82 -8.95 -4.10
O1 GOL AA . 7.23 -9.54 -5.24
C2 GOL AA . 7.85 -7.43 -4.28
O2 GOL AA . 8.42 -6.85 -3.11
C3 GOL AA . 8.70 -7.07 -5.51
O3 GOL AA . 8.74 -5.65 -5.68
C1 GOL BA . -5.92 -12.38 -35.63
O1 GOL BA . -6.95 -11.52 -35.14
C2 GOL BA . -4.70 -12.34 -34.70
O2 GOL BA . -3.70 -13.24 -35.18
C3 GOL BA . -4.14 -10.92 -34.64
O3 GOL BA . -2.94 -10.90 -33.87
C1 GOL CA . -14.47 -19.28 -37.47
O1 GOL CA . -13.29 -19.94 -37.95
C2 GOL CA . -14.70 -19.63 -36.00
O2 GOL CA . -15.94 -19.05 -35.58
C3 GOL CA . -14.79 -21.15 -35.85
O3 GOL CA . -15.05 -21.47 -34.49
C1 GOL DA . -14.18 -28.67 -6.12
O1 GOL DA . -14.13 -29.49 -4.95
C2 GOL DA . -13.12 -27.57 -6.04
O2 GOL DA . -13.40 -26.70 -4.92
C3 GOL DA . -11.74 -28.22 -5.85
O3 GOL DA . -11.49 -29.15 -6.91
S SO4 EA . -18.83 -46.55 -22.74
O1 SO4 EA . -18.99 -45.61 -21.60
O2 SO4 EA . -17.41 -46.98 -22.83
O3 SO4 EA . -19.70 -47.73 -22.51
O4 SO4 EA . -19.23 -45.88 -23.99
S SO4 FA . 11.94 -27.21 -30.33
O1 SO4 FA . 12.11 -25.87 -29.74
O2 SO4 FA . 13.15 -27.58 -31.10
O3 SO4 FA . 11.75 -28.22 -29.27
O4 SO4 FA . 10.75 -27.20 -31.21
#